data_5I5X
#
_entry.id   5I5X
#
_cell.length_a   69.369
_cell.length_b   105.300
_cell.length_c   107.156
_cell.angle_alpha   90.000
_cell.angle_beta   90.000
_cell.angle_gamma   90.000
#
_symmetry.space_group_name_H-M   'P 21 21 21'
#
loop_
_entity.id
_entity.type
_entity.pdbx_description
1 polymer 'Branched-chain-amino-acid aminotransferase, mitochondrial'
2 non-polymer "4'-DEOXY-4'-AMINOPYRIDOXAL-5'-PHOSPHATE"
3 non-polymer 5-methyl-4-oxo-N-(1,3,4-thiadiazol-2-yl)-3,4-dihydrothieno[2,3-d]pyrimidine-6-carboxamide
4 non-polymer 'CHLORIDE ION'
5 non-polymer 1,2-ETHANEDIOL
6 non-polymer GLYCEROL
7 water water
#
_entity_poly.entity_id   1
_entity_poly.type   'polypeptide(L)'
_entity_poly.pdbx_seq_one_letter_code
;GSHMASSSFKAADLQLEMTQKPHKKPGPGEPLVFGKTFTDHMLMVEWNDKGWGQPRIQPFQNLTLHPASSSLHYSLQLFE
GMKAFKGKDQQVRLFRPWLNMDRMLRSAMRLCLPSFDKLELLECIRRLIEVDKDWVPDAAGTSLYVRPVLIGNEPSLGVS
QPTRALLFVILCPVGAYFPGGSVTPVSLLADPAFIRAWVGGVGNYKLGGNYGPTVLVQQEALKRGCEQVLWLYGPDHQLT
EVGTMNIFVYWTHEDGVLELVTPPLNGVILPGVVRQSLLDMAQTWGEFRVVERTITMKQLLRALEEGRVREVFGSGTACQ
VCPVHRILYKDRNLHIPTMENGPELILRFQKELKEIQYGIRAHEWMFPV
;
_entity_poly.pdbx_strand_id   A,B
#
loop_
_chem_comp.id
_chem_comp.type
_chem_comp.name
_chem_comp.formula
68C non-polymer 5-methyl-4-oxo-N-(1,3,4-thiadiazol-2-yl)-3,4-dihydrothieno[2,3-d]pyrimidine-6-carboxamide 'C10 H7 N5 O2 S2'
CL non-polymer 'CHLORIDE ION' 'Cl -1'
EDO non-polymer 1,2-ETHANEDIOL 'C2 H6 O2'
GOL non-polymer GLYCEROL 'C3 H8 O3'
PMP non-polymer 4'-DEOXY-4'-AMINOPYRIDOXAL-5'-PHOSPHATE 'C8 H13 N2 O5 P'
#
# COMPACT_ATOMS: atom_id res chain seq x y z
N SER A 7 -23.41 9.96 -6.22
CA SER A 7 -23.55 11.12 -7.15
C SER A 7 -22.22 11.39 -7.85
N SER A 8 -22.20 12.38 -8.76
CA SER A 8 -20.98 12.76 -9.44
C SER A 8 -20.80 14.26 -9.69
N PHE A 9 -19.55 14.68 -9.76
CA PHE A 9 -19.22 16.00 -10.28
C PHE A 9 -19.58 15.96 -11.76
N LYS A 10 -19.82 17.15 -12.32
CA LYS A 10 -20.20 17.32 -13.72
C LYS A 10 -19.22 18.25 -14.46
N ALA A 11 -18.83 17.83 -15.66
CA ALA A 11 -17.97 18.64 -16.54
C ALA A 11 -18.61 20.00 -16.80
N ALA A 12 -19.94 20.03 -16.81
CA ALA A 12 -20.72 21.25 -17.05
C ALA A 12 -20.43 22.33 -16.01
N ASP A 13 -20.03 21.92 -14.82
CA ASP A 13 -19.73 22.84 -13.72
C ASP A 13 -18.26 23.20 -13.60
N LEU A 14 -17.46 22.81 -14.59
CA LEU A 14 -16.04 23.07 -14.54
C LEU A 14 -15.71 24.53 -14.34
N GLN A 15 -14.74 24.78 -13.48
CA GLN A 15 -14.26 26.11 -13.19
C GLN A 15 -12.82 26.19 -13.71
N LEU A 16 -12.53 27.14 -14.60
CA LEU A 16 -11.19 27.27 -15.18
C LEU A 16 -10.38 28.41 -14.58
N GLU A 17 -9.24 28.06 -13.98
CA GLU A 17 -8.28 29.05 -13.53
C GLU A 17 -7.01 28.91 -14.37
N MET A 18 -6.83 29.80 -15.33
CA MET A 18 -5.63 29.76 -16.16
C MET A 18 -4.40 30.21 -15.39
N THR A 19 -3.25 29.65 -15.72
CA THR A 19 -2.00 29.94 -15.03
C THR A 19 -1.46 31.31 -15.40
N GLN A 20 -0.86 31.96 -14.41
N GLN A 20 -0.85 31.96 -14.43
CA GLN A 20 -0.19 33.25 -14.58
CA GLN A 20 -0.18 33.25 -14.64
C GLN A 20 1.32 33.07 -14.68
C GLN A 20 1.34 33.09 -14.59
N LYS A 21 1.82 31.86 -14.37
CA LYS A 21 3.24 31.56 -14.35
C LYS A 21 3.46 30.27 -15.13
N PRO A 22 3.29 30.31 -16.45
CA PRO A 22 3.43 29.10 -17.27
C PRO A 22 4.86 28.57 -17.24
N HIS A 23 5.01 27.25 -17.20
CA HIS A 23 6.31 26.60 -17.20
C HIS A 23 6.94 26.73 -18.59
N LYS A 24 8.27 26.72 -18.66
CA LYS A 24 8.97 26.68 -19.94
C LYS A 24 8.87 25.26 -20.46
N LYS A 25 8.59 25.08 -21.75
CA LYS A 25 8.47 23.74 -22.31
C LYS A 25 9.84 23.12 -22.63
N PRO A 26 9.89 21.78 -22.71
CA PRO A 26 11.17 21.10 -22.98
C PRO A 26 11.74 21.40 -24.37
N GLY A 27 13.08 21.46 -24.46
CA GLY A 27 13.77 21.71 -25.73
C GLY A 27 14.10 20.43 -26.47
N PRO A 31 15.19 16.74 -24.22
CA PRO A 31 15.22 15.31 -23.94
C PRO A 31 14.25 14.92 -22.83
N LEU A 32 13.10 14.38 -23.21
CA LEU A 32 12.02 14.06 -22.27
C LEU A 32 12.29 12.77 -21.48
N VAL A 33 12.32 12.90 -20.15
CA VAL A 33 12.51 11.77 -19.23
C VAL A 33 11.19 11.54 -18.51
N PHE A 34 10.72 10.30 -18.48
CA PHE A 34 9.40 10.03 -17.94
C PHE A 34 9.13 10.50 -16.51
N GLY A 35 8.03 11.23 -16.35
CA GLY A 35 7.49 11.55 -15.04
C GLY A 35 8.10 12.68 -14.26
N LYS A 36 9.02 13.42 -14.88
CA LYS A 36 9.72 14.51 -14.20
C LYS A 36 9.20 15.89 -14.63
N THR A 37 8.67 15.99 -15.85
CA THR A 37 8.23 17.27 -16.40
C THR A 37 6.72 17.31 -16.43
N PHE A 38 6.13 18.36 -15.84
CA PHE A 38 4.68 18.50 -15.78
C PHE A 38 4.17 19.71 -16.55
N THR A 39 2.94 19.59 -17.04
CA THR A 39 2.28 20.67 -17.78
C THR A 39 1.79 21.76 -16.83
N ASP A 40 1.21 22.81 -17.40
CA ASP A 40 0.83 23.98 -16.65
C ASP A 40 -0.37 23.86 -15.76
N HIS A 41 -1.28 22.93 -16.07
CA HIS A 41 -2.53 22.82 -15.33
C HIS A 41 -2.82 21.41 -14.83
N MET A 42 -3.74 21.34 -13.87
CA MET A 42 -4.18 20.08 -13.28
C MET A 42 -5.68 20.12 -13.06
N LEU A 43 -6.30 18.94 -12.98
CA LEU A 43 -7.69 18.86 -12.57
C LEU A 43 -7.72 18.60 -11.07
N MET A 44 -8.68 19.20 -10.37
N MET A 44 -8.69 19.18 -10.38
CA MET A 44 -8.88 18.96 -8.93
CA MET A 44 -8.89 18.90 -8.96
C MET A 44 -10.37 18.89 -8.65
C MET A 44 -10.38 18.89 -8.64
N VAL A 45 -10.81 17.86 -7.93
CA VAL A 45 -12.21 17.76 -7.47
C VAL A 45 -12.16 17.21 -6.06
N GLU A 46 -12.84 17.88 -5.13
CA GLU A 46 -12.89 17.46 -3.72
C GLU A 46 -14.23 16.81 -3.42
N TRP A 47 -14.24 15.87 -2.46
CA TRP A 47 -15.47 15.15 -2.06
C TRP A 47 -15.59 15.18 -0.54
N ASN A 48 -16.80 15.42 -0.04
CA ASN A 48 -17.06 15.40 1.40
C ASN A 48 -18.49 14.97 1.69
N ASP A 49 -18.98 15.25 2.90
CA ASP A 49 -20.33 14.85 3.29
C ASP A 49 -21.45 15.46 2.44
N LYS A 50 -21.12 16.54 1.72
CA LYS A 50 -22.08 17.18 0.82
C LYS A 50 -21.99 16.60 -0.60
N GLY A 51 -21.08 15.65 -0.80
CA GLY A 51 -20.86 15.04 -2.10
C GLY A 51 -19.67 15.66 -2.79
N TRP A 52 -19.64 15.54 -4.12
CA TRP A 52 -18.56 16.13 -4.90
C TRP A 52 -18.76 17.63 -5.07
N GLY A 53 -17.67 18.38 -4.94
CA GLY A 53 -17.65 19.79 -5.22
C GLY A 53 -17.56 19.96 -6.72
N GLN A 54 -17.44 21.19 -7.18
CA GLN A 54 -17.35 21.43 -8.60
C GLN A 54 -15.92 21.13 -9.06
N PRO A 55 -15.77 20.51 -10.22
CA PRO A 55 -14.42 20.23 -10.69
C PRO A 55 -13.73 21.50 -11.16
N ARG A 56 -12.42 21.55 -11.04
CA ARG A 56 -11.73 22.72 -11.55
C ARG A 56 -10.43 22.37 -12.25
N ILE A 57 -10.15 23.13 -13.31
CA ILE A 57 -8.88 23.08 -13.97
C ILE A 57 -8.15 24.29 -13.42
N GLN A 58 -7.01 24.04 -12.80
CA GLN A 58 -6.24 25.09 -12.17
C GLN A 58 -4.77 24.95 -12.44
N PRO A 59 -3.99 25.99 -12.08
CA PRO A 59 -2.57 25.87 -12.32
C PRO A 59 -1.95 24.76 -11.48
N PHE A 60 -1.00 24.05 -12.07
CA PHE A 60 -0.27 23.00 -11.36
C PHE A 60 0.23 23.59 -10.04
N GLN A 61 -0.09 22.92 -8.93
CA GLN A 61 0.26 23.45 -7.62
C GLN A 61 0.30 22.34 -6.60
N ASN A 62 0.90 22.63 -5.45
CA ASN A 62 0.98 21.66 -4.38
C ASN A 62 -0.36 21.35 -3.76
N LEU A 63 -0.43 20.18 -3.12
CA LEU A 63 -1.59 19.77 -2.37
C LEU A 63 -1.37 20.16 -0.92
N THR A 64 -2.45 20.46 -0.22
CA THR A 64 -2.39 20.77 1.21
C THR A 64 -3.17 19.70 1.90
N LEU A 65 -2.49 18.90 2.71
CA LEU A 65 -3.09 17.77 3.38
C LEU A 65 -2.90 17.84 4.89
N HIS A 66 -3.99 17.56 5.60
CA HIS A 66 -3.97 17.39 7.06
C HIS A 66 -2.99 16.23 7.39
N PRO A 67 -2.16 16.38 8.44
CA PRO A 67 -1.15 15.34 8.78
C PRO A 67 -1.68 13.94 9.05
N ALA A 68 -2.96 13.84 9.42
CA ALA A 68 -3.63 12.54 9.69
C ALA A 68 -4.36 12.00 8.46
N SER A 69 -4.19 12.65 7.31
CA SER A 69 -4.89 12.21 6.10
C SER A 69 -4.73 10.72 5.88
N SER A 70 -5.84 10.02 5.71
CA SER A 70 -5.80 8.55 5.53
C SER A 70 -5.06 8.12 4.25
N SER A 71 -4.89 9.06 3.32
CA SER A 71 -4.03 8.80 2.15
C SER A 71 -2.59 8.48 2.49
N LEU A 72 -2.08 9.02 3.61
CA LEU A 72 -0.71 8.92 4.02
C LEU A 72 -0.41 7.90 5.11
N HIS A 73 -1.44 7.50 5.85
CA HIS A 73 -1.25 6.52 6.92
C HIS A 73 -1.68 5.12 6.51
N TYR A 74 -2.79 5.01 5.77
CA TYR A 74 -3.34 3.72 5.42
C TYR A 74 -3.50 3.50 3.91
N SER A 75 -2.75 4.27 3.12
CA SER A 75 -2.67 4.05 1.69
C SER A 75 -4.04 4.01 1.02
N LEU A 76 -4.91 4.94 1.41
CA LEU A 76 -6.18 5.09 0.72
C LEU A 76 -5.83 5.94 -0.50
N GLN A 77 -5.37 5.25 -1.53
CA GLN A 77 -4.86 5.92 -2.73
C GLN A 77 -4.86 4.94 -3.88
N LEU A 78 -5.25 5.43 -5.05
CA LEU A 78 -5.22 4.65 -6.30
C LEU A 78 -4.89 5.63 -7.41
N PHE A 79 -4.48 5.11 -8.55
CA PHE A 79 -4.11 5.96 -9.67
C PHE A 79 -4.34 5.25 -10.98
N GLU A 80 -4.25 6.04 -12.04
CA GLU A 80 -4.33 5.53 -13.39
C GLU A 80 -3.17 6.05 -14.24
N GLY A 81 -3.07 5.47 -15.45
CA GLY A 81 -2.06 5.86 -16.40
C GLY A 81 -2.55 5.58 -17.81
N MET A 82 -2.65 6.64 -18.62
N MET A 82 -2.57 6.62 -18.63
CA MET A 82 -3.10 6.50 -20.01
CA MET A 82 -2.92 6.46 -20.03
C MET A 82 -2.50 7.63 -20.85
C MET A 82 -2.25 7.54 -20.84
N LYS A 83 -2.37 7.41 -22.16
CA LYS A 83 -1.71 8.35 -23.05
C LYS A 83 -2.61 8.99 -24.09
N ALA A 84 -2.32 10.27 -24.34
CA ALA A 84 -2.87 10.97 -25.49
C ALA A 84 -1.76 11.08 -26.53
N PHE A 85 -2.14 10.99 -27.80
CA PHE A 85 -1.20 11.01 -28.90
C PHE A 85 -1.63 12.08 -29.89
N LYS A 86 -0.66 12.78 -30.45
N LYS A 86 -0.66 12.82 -30.42
CA LYS A 86 -0.92 13.85 -31.41
CA LYS A 86 -0.93 13.89 -31.41
C LYS A 86 -0.52 13.41 -32.82
C LYS A 86 -0.52 13.41 -32.82
N GLY A 87 -1.49 13.45 -33.74
CA GLY A 87 -1.24 13.10 -35.15
C GLY A 87 -0.56 14.23 -35.90
N LYS A 88 -0.33 14.02 -37.20
CA LYS A 88 0.36 15.01 -38.03
C LYS A 88 -0.40 16.34 -38.15
N ASP A 89 -1.72 16.24 -38.28
CA ASP A 89 -2.60 17.41 -38.40
C ASP A 89 -2.92 18.04 -37.04
N GLN A 90 -2.19 17.62 -36.01
CA GLN A 90 -2.27 18.18 -34.65
C GLN A 90 -3.51 17.74 -33.85
N GLN A 91 -4.28 16.78 -34.37
CA GLN A 91 -5.41 16.22 -33.63
C GLN A 91 -4.87 15.33 -32.52
N VAL A 92 -5.34 15.56 -31.29
CA VAL A 92 -4.92 14.78 -30.12
C VAL A 92 -6.01 13.76 -29.82
N ARG A 93 -5.62 12.54 -29.48
CA ARG A 93 -6.56 11.47 -29.21
C ARG A 93 -6.08 10.61 -28.04
N LEU A 94 -7.01 10.19 -27.20
CA LEU A 94 -6.73 9.28 -26.09
C LEU A 94 -6.98 7.84 -26.51
N PHE A 95 -6.13 6.95 -26.05
CA PHE A 95 -6.26 5.53 -26.39
C PHE A 95 -7.13 4.80 -25.36
N ARG A 96 -8.29 4.32 -25.81
CA ARG A 96 -9.22 3.51 -25.02
C ARG A 96 -9.40 4.00 -23.58
N PRO A 97 -9.62 5.33 -23.41
CA PRO A 97 -9.63 5.83 -22.02
C PRO A 97 -10.79 5.32 -21.18
N TRP A 98 -11.86 4.87 -21.82
CA TRP A 98 -12.99 4.27 -21.13
C TRP A 98 -12.57 3.10 -20.24
N LEU A 99 -11.60 2.31 -20.69
CA LEU A 99 -11.13 1.15 -19.92
C LEU A 99 -10.37 1.63 -18.67
N ASN A 100 -9.59 2.70 -18.82
CA ASN A 100 -8.93 3.27 -17.63
C ASN A 100 -9.94 3.80 -16.62
N MET A 101 -11.01 4.40 -17.11
CA MET A 101 -12.08 4.90 -16.24
C MET A 101 -12.71 3.73 -15.50
N ASP A 102 -13.01 2.66 -16.24
CA ASP A 102 -13.57 1.43 -15.68
C ASP A 102 -12.66 0.90 -14.57
N ARG A 103 -11.37 0.83 -14.85
CA ARG A 103 -10.41 0.29 -13.87
C ARG A 103 -10.31 1.18 -12.64
N MET A 104 -10.28 2.49 -12.87
CA MET A 104 -10.19 3.47 -11.76
C MET A 104 -11.39 3.33 -10.85
N LEU A 105 -12.58 3.15 -11.41
CA LEU A 105 -13.79 2.96 -10.62
C LEU A 105 -13.72 1.66 -9.80
N ARG A 106 -13.25 0.57 -10.39
N ARG A 106 -13.24 0.58 -10.41
CA ARG A 106 -13.09 -0.69 -9.65
CA ARG A 106 -13.04 -0.70 -9.70
C ARG A 106 -12.12 -0.52 -8.48
C ARG A 106 -12.13 -0.49 -8.49
N SER A 107 -11.02 0.21 -8.71
CA SER A 107 -10.04 0.49 -7.64
C SER A 107 -10.69 1.29 -6.52
N ALA A 108 -11.50 2.27 -6.89
CA ALA A 108 -12.15 3.16 -5.91
C ALA A 108 -13.07 2.34 -5.02
N MET A 109 -13.87 1.46 -5.60
CA MET A 109 -14.78 0.63 -4.82
C MET A 109 -14.02 -0.30 -3.87
N ARG A 110 -12.87 -0.80 -4.31
CA ARG A 110 -12.12 -1.74 -3.48
C ARG A 110 -11.56 -1.05 -2.24
N LEU A 111 -11.28 0.25 -2.34
CA LEU A 111 -10.77 1.06 -1.23
C LEU A 111 -11.84 1.91 -0.53
N CYS A 112 -13.10 1.65 -0.87
CA CYS A 112 -14.23 2.33 -0.25
C CYS A 112 -14.12 3.84 -0.42
N LEU A 113 -13.65 4.24 -1.59
CA LEU A 113 -13.53 5.65 -1.95
C LEU A 113 -14.74 6.01 -2.81
N PRO A 114 -15.04 7.31 -2.93
CA PRO A 114 -16.31 7.67 -3.59
C PRO A 114 -16.37 7.34 -5.08
N SER A 115 -17.51 6.82 -5.50
CA SER A 115 -17.82 6.63 -6.90
C SER A 115 -17.96 7.98 -7.63
N PHE A 116 -17.78 7.94 -8.93
CA PHE A 116 -17.97 9.10 -9.80
C PHE A 116 -18.47 8.59 -11.16
N ASP A 117 -18.97 9.51 -11.98
CA ASP A 117 -19.42 9.16 -13.32
C ASP A 117 -18.23 9.08 -14.26
N LYS A 118 -17.99 7.91 -14.85
CA LYS A 118 -16.85 7.72 -15.74
C LYS A 118 -16.79 8.69 -16.93
N LEU A 119 -17.94 9.00 -17.52
CA LEU A 119 -17.95 9.91 -18.65
C LEU A 119 -17.75 11.39 -18.24
N GLU A 120 -18.17 11.75 -17.02
CA GLU A 120 -17.94 13.10 -16.56
C GLU A 120 -16.45 13.28 -16.33
N LEU A 121 -15.81 12.28 -15.70
CA LEU A 121 -14.37 12.38 -15.51
C LEU A 121 -13.63 12.41 -16.85
N LEU A 122 -14.06 11.59 -17.80
CA LEU A 122 -13.40 11.57 -19.10
C LEU A 122 -13.51 12.94 -19.77
N GLU A 123 -14.68 13.58 -19.68
CA GLU A 123 -14.86 14.92 -20.26
C GLU A 123 -14.02 15.98 -19.54
N CYS A 124 -13.87 15.86 -18.22
CA CYS A 124 -13.02 16.80 -17.49
C CYS A 124 -11.54 16.64 -17.89
N ILE A 125 -11.11 15.39 -18.10
CA ILE A 125 -9.78 15.08 -18.55
C ILE A 125 -9.59 15.64 -19.97
N ARG A 126 -10.57 15.44 -20.82
CA ARG A 126 -10.51 15.98 -22.18
C ARG A 126 -10.34 17.50 -22.13
N ARG A 127 -11.13 18.17 -21.30
CA ARG A 127 -11.04 19.63 -21.14
C ARG A 127 -9.67 20.07 -20.64
N LEU A 128 -9.11 19.31 -19.68
CA LEU A 128 -7.75 19.59 -19.20
C LEU A 128 -6.68 19.47 -20.29
N ILE A 129 -6.73 18.39 -21.06
CA ILE A 129 -5.76 18.18 -22.13
C ILE A 129 -5.90 19.27 -23.21
N GLU A 130 -7.12 19.67 -23.49
CA GLU A 130 -7.39 20.75 -24.43
C GLU A 130 -6.70 22.05 -23.98
N VAL A 131 -6.86 22.39 -22.71
CA VAL A 131 -6.18 23.55 -22.15
C VAL A 131 -4.65 23.45 -22.33
N ASP A 132 -4.08 22.28 -22.03
CA ASP A 132 -2.63 22.09 -22.17
C ASP A 132 -2.23 21.37 -23.47
N LYS A 133 -3.02 21.56 -24.53
CA LYS A 133 -2.79 20.83 -25.77
C LYS A 133 -1.44 21.08 -26.42
N ASP A 134 -0.86 22.26 -26.17
CA ASP A 134 0.44 22.60 -26.74
C ASP A 134 1.60 21.91 -26.05
N TRP A 135 1.31 21.24 -24.95
CA TRP A 135 2.28 20.38 -24.27
C TRP A 135 2.34 18.99 -24.89
N VAL A 136 1.37 18.63 -25.74
CA VAL A 136 1.37 17.29 -26.31
C VAL A 136 2.38 17.26 -27.45
N PRO A 137 3.45 16.46 -27.31
CA PRO A 137 4.46 16.42 -28.37
C PRO A 137 3.96 15.64 -29.58
N ASP A 138 4.62 15.81 -30.73
CA ASP A 138 4.22 15.07 -31.93
C ASP A 138 5.35 14.31 -32.63
N ALA A 139 6.57 14.36 -32.08
CA ALA A 139 7.68 13.58 -32.62
C ALA A 139 7.36 12.09 -32.50
N ALA A 140 7.98 11.30 -33.36
CA ALA A 140 7.76 9.85 -33.39
C ALA A 140 7.96 9.24 -32.01
N GLY A 141 7.01 8.41 -31.58
CA GLY A 141 7.08 7.71 -30.31
C GLY A 141 6.76 8.54 -29.06
N THR A 142 6.42 9.81 -29.25
CA THR A 142 6.13 10.70 -28.12
C THR A 142 4.63 10.72 -27.84
N SER A 143 4.29 11.14 -26.62
CA SER A 143 2.90 11.17 -26.19
C SER A 143 2.77 12.05 -24.99
N LEU A 144 1.52 12.25 -24.55
CA LEU A 144 1.26 12.91 -23.27
C LEU A 144 0.71 11.85 -22.32
N TYR A 145 1.38 11.69 -21.19
CA TYR A 145 0.95 10.75 -20.14
C TYR A 145 -0.01 11.44 -19.18
N VAL A 146 -1.14 10.79 -18.93
CA VAL A 146 -2.21 11.31 -18.07
C VAL A 146 -2.26 10.48 -16.79
N ARG A 147 -2.16 11.15 -15.64
CA ARG A 147 -2.09 10.51 -14.34
C ARG A 147 -3.23 10.98 -13.42
N PRO A 148 -4.38 10.29 -13.48
CA PRO A 148 -5.44 10.54 -12.51
C PRO A 148 -5.09 9.87 -11.20
N VAL A 149 -5.54 10.46 -10.10
CA VAL A 149 -5.28 9.94 -8.75
C VAL A 149 -6.53 10.18 -7.92
N LEU A 150 -6.89 9.22 -7.07
CA LEU A 150 -8.01 9.38 -6.14
C LEU A 150 -7.49 8.96 -4.76
N ILE A 151 -7.59 9.85 -3.79
CA ILE A 151 -7.10 9.57 -2.45
C ILE A 151 -8.15 9.86 -1.39
N GLY A 152 -8.11 9.07 -0.33
CA GLY A 152 -8.88 9.36 0.88
C GLY A 152 -8.19 10.49 1.61
N ASN A 153 -8.98 11.29 2.31
CA ASN A 153 -8.44 12.47 2.91
C ASN A 153 -9.11 12.81 4.25
N GLU A 154 -9.44 11.77 5.00
CA GLU A 154 -10.05 11.93 6.32
C GLU A 154 -8.96 12.30 7.33
N PRO A 155 -9.20 13.32 8.14
CA PRO A 155 -8.24 13.76 9.15
C PRO A 155 -8.48 12.95 10.43
N SER A 156 -8.32 11.64 10.32
CA SER A 156 -8.60 10.72 11.41
C SER A 156 -7.72 9.50 11.30
N LEU A 157 -7.18 9.06 12.44
CA LEU A 157 -6.31 7.88 12.49
C LEU A 157 -7.13 6.58 12.57
N GLY A 158 -8.46 6.69 12.58
CA GLY A 158 -9.29 5.48 12.51
C GLY A 158 -9.12 4.81 11.15
N VAL A 159 -8.97 3.49 11.14
CA VAL A 159 -8.91 2.76 9.87
C VAL A 159 -10.36 2.58 9.44
N SER A 160 -10.82 3.40 8.50
CA SER A 160 -12.23 3.41 8.16
C SER A 160 -12.50 4.04 6.81
N GLN A 161 -13.73 3.89 6.33
CA GLN A 161 -14.14 4.46 5.05
C GLN A 161 -14.09 5.97 5.17
N PRO A 162 -13.38 6.63 4.24
CA PRO A 162 -13.25 8.08 4.46
C PRO A 162 -14.53 8.84 4.15
N THR A 163 -14.69 9.97 4.81
CA THR A 163 -15.80 10.89 4.54
C THR A 163 -15.33 12.07 3.70
N ARG A 164 -14.04 12.08 3.36
CA ARG A 164 -13.48 13.10 2.49
C ARG A 164 -12.52 12.45 1.52
N ALA A 165 -12.44 12.99 0.32
CA ALA A 165 -11.50 12.47 -0.68
C ALA A 165 -11.10 13.57 -1.64
N LEU A 166 -10.01 13.34 -2.38
N LEU A 166 -10.06 13.29 -2.43
CA LEU A 166 -9.53 14.27 -3.40
CA LEU A 166 -9.55 14.25 -3.39
C LEU A 166 -9.28 13.48 -4.67
C LEU A 166 -9.18 13.53 -4.68
N LEU A 167 -9.74 14.01 -5.79
CA LEU A 167 -9.46 13.42 -7.11
C LEU A 167 -8.72 14.47 -7.88
N PHE A 168 -7.55 14.12 -8.42
CA PHE A 168 -6.81 15.07 -9.23
C PHE A 168 -6.13 14.39 -10.41
N VAL A 169 -5.81 15.17 -11.42
CA VAL A 169 -5.13 14.67 -12.59
C VAL A 169 -4.01 15.62 -12.99
N ILE A 170 -2.83 15.05 -13.22
CA ILE A 170 -1.66 15.77 -13.70
C ILE A 170 -1.19 15.12 -15.02
N LEU A 171 -0.44 15.89 -15.79
CA LEU A 171 -0.02 15.51 -17.14
C LEU A 171 1.49 15.67 -17.33
N CYS A 172 2.10 14.77 -18.09
CA CYS A 172 3.54 14.75 -18.39
C CYS A 172 3.76 14.53 -19.87
N PRO A 173 4.47 15.44 -20.55
CA PRO A 173 4.89 15.05 -21.90
C PRO A 173 5.97 13.96 -21.80
N VAL A 174 5.93 12.97 -22.70
CA VAL A 174 6.86 11.84 -22.62
C VAL A 174 7.55 11.59 -23.96
N GLY A 175 8.87 11.40 -23.89
CA GLY A 175 9.69 11.11 -25.07
C GLY A 175 9.54 9.70 -25.58
N ALA A 176 10.23 9.41 -26.68
CA ALA A 176 10.19 8.08 -27.30
C ALA A 176 10.82 7.05 -26.38
N TYR A 177 10.18 5.89 -26.26
CA TYR A 177 10.66 4.83 -25.35
C TYR A 177 11.87 4.12 -25.92
N PHE A 178 11.87 3.91 -27.24
CA PHE A 178 12.96 3.23 -27.94
C PHE A 178 13.80 4.20 -28.75
N GLY A 181 13.98 4.55 -32.33
CA GLY A 181 12.81 4.03 -33.03
C GLY A 181 12.70 2.51 -33.05
N SER A 182 13.84 1.83 -32.94
CA SER A 182 13.89 0.36 -33.00
C SER A 182 13.78 -0.25 -31.60
N VAL A 183 13.01 -1.33 -31.47
CA VAL A 183 12.84 -2.01 -30.18
C VAL A 183 14.13 -2.59 -29.61
N THR A 184 14.42 -2.24 -28.36
CA THR A 184 15.58 -2.74 -27.64
C THR A 184 15.07 -3.66 -26.54
N PRO A 185 15.54 -4.91 -26.52
CA PRO A 185 14.99 -5.84 -25.54
C PRO A 185 15.54 -5.67 -24.14
N VAL A 186 14.85 -6.29 -23.18
CA VAL A 186 15.27 -6.18 -21.78
C VAL A 186 15.54 -7.53 -21.13
N SER A 187 16.34 -7.48 -20.06
CA SER A 187 16.66 -8.63 -19.24
C SER A 187 15.81 -8.56 -17.96
N LEU A 188 15.41 -9.73 -17.48
CA LEU A 188 14.53 -9.87 -16.31
C LEU A 188 15.11 -10.77 -15.24
N LEU A 189 14.93 -10.37 -13.97
CA LEU A 189 15.30 -11.22 -12.85
C LEU A 189 14.06 -11.99 -12.46
N ALA A 190 14.16 -13.32 -12.42
CA ALA A 190 13.04 -14.20 -12.02
C ALA A 190 13.47 -14.99 -10.80
N ASP A 191 13.17 -14.45 -9.63
CA ASP A 191 13.48 -15.10 -8.37
C ASP A 191 12.18 -15.34 -7.58
N PRO A 192 11.88 -16.61 -7.27
CA PRO A 192 10.62 -16.89 -6.58
C PRO A 192 10.51 -16.31 -5.16
N ALA A 193 11.58 -15.73 -4.64
CA ALA A 193 11.56 -15.09 -3.33
C ALA A 193 10.65 -13.87 -3.30
N PHE A 194 10.44 -13.26 -4.46
CA PHE A 194 9.73 -12.00 -4.57
C PHE A 194 8.28 -12.21 -4.99
N ILE A 195 7.37 -11.53 -4.31
CA ILE A 195 5.94 -11.69 -4.62
C ILE A 195 5.28 -10.33 -4.74
N ARG A 196 4.58 -10.12 -5.85
CA ARG A 196 3.94 -8.81 -6.13
C ARG A 196 2.54 -8.76 -5.56
N ALA A 197 1.88 -9.92 -5.60
CA ALA A 197 0.45 -10.03 -5.34
C ALA A 197 0.07 -11.49 -5.08
N TRP A 198 -1.11 -11.70 -4.53
CA TRP A 198 -1.56 -13.05 -4.21
C TRP A 198 -3.05 -13.19 -4.38
N VAL A 199 -3.50 -14.42 -4.56
CA VAL A 199 -4.94 -14.71 -4.68
C VAL A 199 -5.57 -14.36 -3.34
N GLY A 200 -6.61 -13.52 -3.37
CA GLY A 200 -7.19 -13.02 -2.13
C GLY A 200 -6.64 -11.65 -1.76
N GLY A 201 -5.74 -11.13 -2.61
CA GLY A 201 -5.13 -9.83 -2.42
C GLY A 201 -5.73 -8.72 -3.28
N VAL A 202 -4.92 -7.74 -3.67
CA VAL A 202 -5.37 -6.56 -4.45
C VAL A 202 -4.49 -6.23 -5.64
N GLY A 203 -3.78 -7.23 -6.16
CA GLY A 203 -2.88 -7.02 -7.28
C GLY A 203 -3.59 -6.71 -8.59
N ASN A 204 -4.88 -7.00 -8.64
CA ASN A 204 -5.73 -6.72 -9.82
C ASN A 204 -6.39 -5.35 -9.79
N TYR A 205 -5.98 -4.51 -8.84
CA TYR A 205 -6.41 -3.13 -8.72
C TYR A 205 -5.15 -2.25 -8.78
N LYS A 206 -5.28 -1.05 -9.34
CA LYS A 206 -4.14 -0.16 -9.50
C LYS A 206 -4.05 0.77 -8.29
N LEU A 207 -3.59 0.17 -7.20
CA LEU A 207 -3.51 0.81 -5.89
C LEU A 207 -2.04 1.12 -5.59
N GLY A 208 -1.77 2.29 -5.04
CA GLY A 208 -0.43 2.69 -4.75
C GLY A 208 0.34 1.64 -3.93
N GLY A 209 -0.38 0.99 -3.03
CA GLY A 209 0.19 -0.05 -2.18
C GLY A 209 0.85 -1.22 -2.87
N ASN A 210 0.46 -1.49 -4.11
CA ASN A 210 1.08 -2.57 -4.86
C ASN A 210 2.49 -2.22 -5.34
N TYR A 211 2.81 -0.93 -5.34
CA TYR A 211 4.04 -0.45 -6.00
C TYR A 211 5.21 -0.19 -5.05
N GLY A 212 4.90 0.43 -3.91
CA GLY A 212 5.96 0.72 -2.93
C GLY A 212 6.91 -0.44 -2.64
N PRO A 213 6.36 -1.63 -2.35
CA PRO A 213 7.23 -2.76 -2.01
C PRO A 213 8.11 -3.25 -3.17
N THR A 214 7.84 -2.80 -4.39
CA THR A 214 8.65 -3.25 -5.52
C THR A 214 9.96 -2.48 -5.68
N VAL A 215 10.08 -1.35 -5.01
CA VAL A 215 11.26 -0.49 -5.18
C VAL A 215 12.52 -1.23 -4.79
N LEU A 216 12.52 -1.87 -3.63
CA LEU A 216 13.69 -2.65 -3.19
C LEU A 216 14.01 -3.82 -4.10
N VAL A 217 12.96 -4.43 -4.64
CA VAL A 217 13.12 -5.61 -5.48
C VAL A 217 13.76 -5.22 -6.80
N GLN A 218 13.31 -4.10 -7.36
CA GLN A 218 13.89 -3.57 -8.60
C GLN A 218 15.38 -3.24 -8.37
N GLN A 219 15.71 -2.70 -7.20
CA GLN A 219 17.13 -2.47 -6.87
C GLN A 219 17.91 -3.76 -6.93
N GLU A 220 17.31 -4.82 -6.40
CA GLU A 220 17.93 -6.14 -6.43
C GLU A 220 18.09 -6.67 -7.86
N ALA A 221 17.11 -6.40 -8.73
CA ALA A 221 17.24 -6.80 -10.14
C ALA A 221 18.45 -6.12 -10.78
N LEU A 222 18.60 -4.81 -10.57
CA LEU A 222 19.77 -4.08 -11.08
C LEU A 222 21.07 -4.63 -10.48
N LYS A 223 21.08 -4.89 -9.19
CA LYS A 223 22.29 -5.43 -8.54
C LYS A 223 22.71 -6.78 -9.13
N ARG A 224 21.74 -7.54 -9.64
CA ARG A 224 22.04 -8.83 -10.25
C ARG A 224 22.20 -8.72 -11.76
N GLY A 225 22.29 -7.49 -12.25
CA GLY A 225 22.55 -7.22 -13.66
C GLY A 225 21.35 -7.30 -14.59
N CYS A 226 20.14 -7.28 -14.02
CA CYS A 226 18.92 -7.31 -14.85
C CYS A 226 18.24 -5.95 -14.86
N GLU A 227 17.37 -5.72 -15.85
CA GLU A 227 16.73 -4.41 -15.99
C GLU A 227 15.37 -4.30 -15.34
N GLN A 228 14.65 -5.41 -15.31
CA GLN A 228 13.32 -5.44 -14.73
C GLN A 228 13.07 -6.74 -14.00
N VAL A 229 11.95 -6.79 -13.29
CA VAL A 229 11.57 -7.95 -12.48
C VAL A 229 10.48 -8.76 -13.17
N LEU A 230 10.73 -10.06 -13.33
CA LEU A 230 9.69 -11.00 -13.73
C LEU A 230 9.09 -11.54 -12.43
N TRP A 231 7.86 -11.15 -12.14
CA TRP A 231 7.19 -11.57 -10.91
C TRP A 231 6.64 -12.99 -11.00
N LEU A 232 7.18 -13.89 -10.17
CA LEU A 232 6.73 -15.28 -10.12
C LEU A 232 5.76 -15.49 -8.97
N TYR A 233 4.86 -16.46 -9.13
CA TYR A 233 3.86 -16.77 -8.12
C TYR A 233 3.58 -18.27 -8.04
N GLY A 234 3.42 -18.76 -6.82
CA GLY A 234 2.99 -20.12 -6.60
C GLY A 234 4.06 -21.18 -6.69
N PRO A 235 3.68 -22.44 -6.44
CA PRO A 235 4.65 -23.53 -6.45
C PRO A 235 5.14 -23.92 -7.83
N ASP A 236 4.35 -23.69 -8.86
CA ASP A 236 4.73 -23.97 -10.22
C ASP A 236 5.50 -22.78 -10.83
N HIS A 237 5.88 -21.81 -10.01
CA HIS A 237 6.62 -20.61 -10.47
C HIS A 237 5.96 -19.99 -11.70
N GLN A 238 4.72 -19.53 -11.50
CA GLN A 238 3.97 -18.95 -12.61
C GLN A 238 4.52 -17.58 -12.94
N LEU A 239 4.65 -17.31 -14.23
CA LEU A 239 5.06 -15.98 -14.72
C LEU A 239 3.84 -15.09 -14.74
N THR A 240 3.79 -14.06 -13.89
CA THR A 240 2.58 -13.25 -13.77
C THR A 240 2.65 -11.96 -14.55
N GLU A 241 3.62 -11.11 -14.21
N GLU A 241 3.63 -11.13 -14.21
CA GLU A 241 3.81 -9.80 -14.83
CA GLU A 241 3.85 -9.84 -14.84
C GLU A 241 5.28 -9.43 -14.81
C GLU A 241 5.33 -9.56 -14.97
N VAL A 242 5.66 -8.46 -15.62
CA VAL A 242 7.07 -8.04 -15.77
C VAL A 242 7.11 -6.58 -15.45
N GLY A 243 7.73 -6.21 -14.32
CA GLY A 243 7.80 -4.82 -13.90
C GLY A 243 6.40 -4.30 -13.68
N THR A 244 6.01 -3.29 -14.46
CA THR A 244 4.64 -2.76 -14.55
C THR A 244 4.06 -3.00 -15.97
N MET A 245 4.22 -4.23 -16.45
CA MET A 245 3.74 -4.65 -17.75
C MET A 245 3.13 -6.04 -17.61
N ASN A 246 2.16 -6.36 -18.47
CA ASN A 246 1.67 -7.73 -18.56
C ASN A 246 2.64 -8.51 -19.41
N ILE A 247 2.65 -9.84 -19.28
N ILE A 247 2.66 -9.84 -19.27
CA ILE A 247 3.58 -10.67 -20.02
CA ILE A 247 3.61 -10.68 -20.01
C ILE A 247 2.87 -11.54 -21.05
C ILE A 247 2.88 -11.56 -21.03
N PHE A 248 3.48 -11.66 -22.22
CA PHE A 248 2.98 -12.46 -23.34
C PHE A 248 4.09 -13.37 -23.80
N VAL A 249 3.71 -14.56 -24.22
CA VAL A 249 4.64 -15.48 -24.84
C VAL A 249 4.03 -15.96 -26.17
N TYR A 250 4.82 -15.92 -27.22
CA TYR A 250 4.42 -16.37 -28.56
C TYR A 250 5.29 -17.59 -28.83
N TRP A 251 4.66 -18.76 -28.92
CA TRP A 251 5.40 -20.01 -29.05
C TRP A 251 4.53 -21.07 -29.70
N THR A 252 5.14 -22.20 -30.01
CA THR A 252 4.38 -23.39 -30.38
C THR A 252 4.25 -24.15 -29.08
N HIS A 253 3.01 -24.33 -28.64
CA HIS A 253 2.75 -24.96 -27.35
C HIS A 253 3.02 -26.47 -27.44
N GLU A 254 2.98 -27.13 -26.29
CA GLU A 254 3.29 -28.56 -26.18
C GLU A 254 2.37 -29.46 -26.99
N ASP A 255 1.19 -28.95 -27.35
CA ASP A 255 0.25 -29.70 -28.21
C ASP A 255 0.54 -29.51 -29.71
N GLY A 256 1.60 -28.76 -30.03
CA GLY A 256 1.99 -28.53 -31.41
C GLY A 256 1.29 -27.37 -32.10
N VAL A 257 0.55 -26.57 -31.34
CA VAL A 257 -0.19 -25.46 -31.91
C VAL A 257 0.49 -24.11 -31.62
N LEU A 258 0.69 -23.32 -32.67
CA LEU A 258 1.25 -21.96 -32.57
C LEU A 258 0.24 -21.12 -31.81
N GLU A 259 0.70 -20.45 -30.75
CA GLU A 259 -0.24 -19.65 -29.96
C GLU A 259 0.43 -18.47 -29.27
N LEU A 260 -0.40 -17.49 -28.95
CA LEU A 260 -0.03 -16.36 -28.12
C LEU A 260 -0.75 -16.61 -26.80
N VAL A 261 -0.01 -16.63 -25.71
CA VAL A 261 -0.56 -16.87 -24.38
C VAL A 261 -0.19 -15.73 -23.43
N THR A 262 -1.12 -15.38 -22.55
CA THR A 262 -0.87 -14.41 -21.48
C THR A 262 -1.60 -14.91 -20.26
N PRO A 263 -1.08 -14.66 -19.06
CA PRO A 263 -1.79 -15.18 -17.88
C PRO A 263 -3.21 -14.63 -17.70
N PRO A 264 -4.13 -15.46 -17.19
CA PRO A 264 -5.51 -15.04 -17.03
C PRO A 264 -5.74 -14.11 -15.83
N LEU A 265 -6.87 -13.42 -15.87
CA LEU A 265 -7.25 -12.47 -14.82
C LEU A 265 -7.88 -13.23 -13.66
N ASN A 266 -7.03 -13.90 -12.88
CA ASN A 266 -7.47 -14.70 -11.73
C ASN A 266 -7.17 -14.04 -10.39
N GLY A 267 -6.87 -12.75 -10.43
CA GLY A 267 -6.68 -11.95 -9.23
C GLY A 267 -5.28 -11.40 -8.97
N VAL A 268 -4.24 -12.07 -9.50
N VAL A 268 -4.28 -12.05 -9.54
CA VAL A 268 -2.81 -11.67 -9.30
CA VAL A 268 -2.90 -11.70 -9.27
C VAL A 268 -2.23 -10.90 -10.50
C VAL A 268 -2.41 -10.64 -10.28
N ILE A 269 -3.09 -10.56 -11.43
CA ILE A 269 -2.65 -9.80 -12.61
C ILE A 269 -3.47 -8.50 -12.65
N LEU A 270 -2.82 -7.38 -12.98
CA LEU A 270 -3.53 -6.16 -13.30
C LEU A 270 -4.09 -6.29 -14.73
N PRO A 271 -5.39 -6.00 -14.93
CA PRO A 271 -5.94 -6.05 -16.31
C PRO A 271 -5.52 -4.85 -17.16
N GLY A 272 -4.38 -5.01 -17.79
CA GLY A 272 -3.82 -3.96 -18.64
C GLY A 272 -4.70 -3.62 -19.82
N VAL A 273 -4.75 -2.34 -20.14
CA VAL A 273 -5.46 -1.89 -21.34
C VAL A 273 -4.70 -2.34 -22.59
N VAL A 274 -3.36 -2.26 -22.59
CA VAL A 274 -2.62 -2.73 -23.77
C VAL A 274 -2.81 -4.26 -23.88
N ARG A 275 -2.75 -4.97 -22.76
CA ARG A 275 -2.94 -6.40 -22.75
C ARG A 275 -4.26 -6.78 -23.45
N GLN A 276 -5.33 -6.11 -23.03
CA GLN A 276 -6.64 -6.39 -23.59
C GLN A 276 -6.64 -6.10 -25.10
N SER A 277 -5.97 -5.02 -25.48
CA SER A 277 -5.90 -4.61 -26.88
C SER A 277 -5.15 -5.63 -27.73
N LEU A 278 -4.07 -6.18 -27.19
CA LEU A 278 -3.26 -7.18 -27.93
C LEU A 278 -4.06 -8.47 -28.14
N LEU A 279 -4.76 -8.89 -27.11
CA LEU A 279 -5.66 -10.05 -27.20
C LEU A 279 -6.75 -9.77 -28.25
N ASP A 280 -7.36 -8.59 -28.19
CA ASP A 280 -8.43 -8.21 -29.12
C ASP A 280 -7.89 -8.20 -30.56
N MET A 281 -6.72 -7.61 -30.75
CA MET A 281 -6.11 -7.51 -32.07
C MET A 281 -5.76 -8.87 -32.67
N ALA A 282 -5.10 -9.72 -31.88
CA ALA A 282 -4.66 -11.03 -32.35
C ALA A 282 -5.85 -11.98 -32.56
N GLN A 283 -6.89 -11.84 -31.74
CA GLN A 283 -8.06 -12.68 -31.91
C GLN A 283 -8.77 -12.26 -33.21
N THR A 284 -8.80 -10.96 -33.49
CA THR A 284 -9.40 -10.44 -34.73
C THR A 284 -8.66 -10.95 -35.99
N TRP A 285 -7.33 -11.05 -35.92
CA TRP A 285 -6.59 -11.57 -37.09
C TRP A 285 -6.98 -13.01 -37.43
N GLY A 286 -7.23 -13.82 -36.42
CA GLY A 286 -7.63 -15.21 -36.62
C GLY A 286 -6.58 -16.04 -37.32
N GLU A 287 -5.30 -15.77 -37.04
CA GLU A 287 -4.21 -16.50 -37.69
C GLU A 287 -3.52 -17.55 -36.82
N PHE A 288 -3.71 -17.46 -35.51
CA PHE A 288 -3.16 -18.41 -34.58
C PHE A 288 -4.01 -18.40 -33.31
N ARG A 289 -3.80 -19.39 -32.47
CA ARG A 289 -4.54 -19.52 -31.24
C ARG A 289 -4.13 -18.43 -30.24
N VAL A 290 -5.13 -17.82 -29.61
CA VAL A 290 -4.92 -16.75 -28.64
C VAL A 290 -5.64 -17.14 -27.35
N VAL A 291 -4.86 -17.31 -26.29
CA VAL A 291 -5.37 -17.86 -25.05
C VAL A 291 -4.92 -17.11 -23.83
N GLU A 292 -5.73 -17.22 -22.80
CA GLU A 292 -5.40 -16.77 -21.48
C GLU A 292 -5.22 -18.06 -20.66
N ARG A 293 -4.00 -18.27 -20.19
CA ARG A 293 -3.64 -19.46 -19.44
C ARG A 293 -2.39 -19.18 -18.62
N THR A 294 -2.30 -19.81 -17.45
N THR A 294 -2.31 -19.84 -17.46
CA THR A 294 -1.09 -19.69 -16.63
CA THR A 294 -1.10 -19.83 -16.62
C THR A 294 0.12 -20.24 -17.39
C THR A 294 0.11 -20.20 -17.47
N ILE A 295 1.27 -19.60 -17.17
CA ILE A 295 2.53 -19.95 -17.82
C ILE A 295 3.51 -20.25 -16.70
N THR A 296 4.18 -21.40 -16.74
CA THR A 296 5.10 -21.76 -15.66
C THR A 296 6.54 -21.74 -16.16
N MET A 297 7.48 -21.58 -15.24
CA MET A 297 8.90 -21.61 -15.61
C MET A 297 9.25 -23.00 -16.18
N LYS A 298 8.57 -24.05 -15.71
CA LYS A 298 8.78 -25.39 -16.24
C LYS A 298 8.47 -25.45 -17.73
N GLN A 299 7.33 -24.89 -18.12
CA GLN A 299 6.95 -24.85 -19.52
C GLN A 299 7.92 -24.01 -20.33
N LEU A 300 8.32 -22.86 -19.79
CA LEU A 300 9.20 -21.97 -20.53
C LEU A 300 10.55 -22.65 -20.77
N LEU A 301 11.11 -23.27 -19.73
CA LEU A 301 12.39 -23.97 -19.84
C LEU A 301 12.36 -25.03 -20.92
N ARG A 302 11.32 -25.88 -20.87
CA ARG A 302 11.18 -26.94 -21.86
C ARG A 302 11.00 -26.39 -23.26
N ALA A 303 10.20 -25.33 -23.39
CA ALA A 303 9.94 -24.74 -24.68
C ALA A 303 11.23 -24.14 -25.28
N LEU A 304 12.05 -23.53 -24.44
CA LEU A 304 13.30 -22.94 -24.90
C LEU A 304 14.23 -24.05 -25.38
N GLU A 305 14.33 -25.12 -24.60
CA GLU A 305 15.18 -26.25 -24.99
C GLU A 305 14.73 -26.85 -26.32
N GLU A 306 13.41 -26.92 -26.53
CA GLU A 306 12.87 -27.48 -27.76
C GLU A 306 12.79 -26.50 -28.94
N GLY A 307 13.19 -25.25 -28.73
CA GLY A 307 13.21 -24.28 -29.81
C GLY A 307 11.81 -23.87 -30.24
N ARG A 308 10.87 -23.96 -29.31
CA ARG A 308 9.47 -23.66 -29.58
C ARG A 308 9.11 -22.21 -29.25
N VAL A 309 9.97 -21.50 -28.50
CA VAL A 309 9.69 -20.10 -28.16
C VAL A 309 10.14 -19.15 -29.28
N ARG A 310 9.21 -18.33 -29.76
N ARG A 310 9.23 -18.30 -29.72
CA ARG A 310 9.50 -17.32 -30.76
CA ARG A 310 9.54 -17.31 -30.73
C ARG A 310 9.82 -15.97 -30.11
C ARG A 310 9.83 -15.95 -30.10
N GLU A 311 8.86 -15.45 -29.33
CA GLU A 311 8.96 -14.11 -28.74
C GLU A 311 8.36 -14.08 -27.35
N VAL A 312 9.00 -13.30 -26.47
CA VAL A 312 8.46 -13.00 -25.14
C VAL A 312 8.48 -11.49 -25.04
N PHE A 313 7.40 -10.92 -24.54
CA PHE A 313 7.37 -9.47 -24.39
C PHE A 313 6.42 -9.00 -23.31
N GLY A 314 6.68 -7.80 -22.84
CA GLY A 314 5.76 -7.09 -21.97
C GLY A 314 4.88 -6.14 -22.75
N SER A 315 3.71 -5.86 -22.16
CA SER A 315 2.76 -4.88 -22.70
C SER A 315 2.40 -3.88 -21.62
N GLY A 316 2.27 -2.61 -22.01
CA GLY A 316 1.84 -1.61 -21.09
C GLY A 316 1.92 -0.21 -21.68
N THR A 317 1.35 0.74 -20.96
CA THR A 317 1.27 2.12 -21.47
C THR A 317 2.64 2.77 -21.71
N ALA A 318 3.63 2.40 -20.91
CA ALA A 318 5.00 2.94 -21.04
C ALA A 318 5.64 2.84 -22.42
N CYS A 319 5.62 1.64 -22.99
CA CYS A 319 6.30 1.32 -24.23
C CYS A 319 5.41 0.69 -25.28
N GLN A 320 4.17 0.40 -24.91
CA GLN A 320 3.24 -0.39 -25.71
C GLN A 320 3.66 -1.87 -25.67
N VAL A 321 4.77 -2.22 -26.33
CA VAL A 321 5.24 -3.61 -26.40
C VAL A 321 6.76 -3.61 -26.21
N CYS A 322 7.26 -4.45 -25.30
CA CYS A 322 8.68 -4.46 -24.95
C CYS A 322 9.27 -5.87 -25.06
N PRO A 323 10.19 -6.07 -26.00
CA PRO A 323 10.79 -7.39 -26.12
C PRO A 323 11.66 -7.77 -24.94
N VAL A 324 11.73 -9.07 -24.69
CA VAL A 324 12.57 -9.66 -23.64
C VAL A 324 13.62 -10.58 -24.29
N HIS A 325 14.90 -10.42 -23.95
CA HIS A 325 15.95 -11.28 -24.50
C HIS A 325 16.62 -12.20 -23.50
N ARG A 326 16.40 -11.95 -22.21
CA ARG A 326 17.11 -12.71 -21.17
C ARG A 326 16.31 -12.76 -19.89
N ILE A 327 16.30 -13.93 -19.25
CA ILE A 327 15.69 -14.10 -17.94
C ILE A 327 16.69 -14.83 -17.08
N LEU A 328 17.03 -14.23 -15.95
CA LEU A 328 17.95 -14.82 -14.97
C LEU A 328 17.06 -15.51 -13.93
N TYR A 329 17.02 -16.85 -13.99
CA TYR A 329 16.14 -17.64 -13.13
C TYR A 329 16.97 -18.23 -12.00
N LYS A 330 17.03 -17.46 -10.91
CA LYS A 330 17.92 -17.71 -9.76
C LYS A 330 19.37 -17.55 -10.23
N ASP A 331 20.07 -18.65 -10.52
CA ASP A 331 21.44 -18.59 -11.03
C ASP A 331 21.55 -19.04 -12.49
N ARG A 332 20.43 -19.44 -13.08
CA ARG A 332 20.39 -19.96 -14.44
C ARG A 332 20.03 -18.85 -15.42
N ASN A 333 20.97 -18.51 -16.31
CA ASN A 333 20.80 -17.42 -17.26
C ASN A 333 20.17 -17.93 -18.58
N LEU A 334 18.94 -17.53 -18.87
CA LEU A 334 18.22 -18.04 -20.04
C LEU A 334 18.13 -17.04 -21.17
N HIS A 335 18.61 -17.42 -22.35
CA HIS A 335 18.45 -16.58 -23.50
C HIS A 335 17.07 -16.81 -24.08
N ILE A 336 16.38 -15.72 -24.37
CA ILE A 336 15.07 -15.77 -24.99
C ILE A 336 15.28 -15.26 -26.40
N PRO A 337 14.93 -16.07 -27.42
CA PRO A 337 15.27 -15.74 -28.82
C PRO A 337 14.36 -14.73 -29.55
N THR A 338 13.69 -13.86 -28.81
CA THR A 338 12.81 -12.87 -29.36
C THR A 338 13.38 -12.08 -30.54
N MET A 339 14.57 -11.52 -30.38
CA MET A 339 15.14 -10.69 -31.42
C MET A 339 15.65 -11.47 -32.63
N GLU A 340 15.89 -12.77 -32.48
CA GLU A 340 16.25 -13.64 -33.61
C GLU A 340 15.02 -14.05 -34.42
N ASN A 341 13.83 -13.80 -33.89
CA ASN A 341 12.58 -14.16 -34.55
C ASN A 341 11.83 -12.93 -35.09
N GLY A 342 12.59 -11.89 -35.40
CA GLY A 342 12.06 -10.69 -36.02
C GLY A 342 12.37 -9.41 -35.26
N PRO A 343 11.64 -9.16 -34.16
CA PRO A 343 10.56 -9.95 -33.56
C PRO A 343 9.24 -9.67 -34.32
N GLU A 344 8.82 -10.63 -35.13
CA GLU A 344 7.72 -10.43 -36.07
C GLU A 344 6.40 -9.97 -35.43
N LEU A 345 5.97 -10.66 -34.39
CA LEU A 345 4.69 -10.34 -33.73
C LEU A 345 4.76 -8.99 -33.05
N ILE A 346 5.84 -8.76 -32.30
CA ILE A 346 6.02 -7.48 -31.63
C ILE A 346 5.99 -6.33 -32.65
N LEU A 347 6.74 -6.48 -33.75
CA LEU A 347 6.78 -5.40 -34.75
C LEU A 347 5.39 -5.13 -35.33
N ARG A 348 4.66 -6.21 -35.59
CA ARG A 348 3.31 -6.10 -36.14
C ARG A 348 2.37 -5.39 -35.16
N PHE A 349 2.40 -5.79 -33.88
CA PHE A 349 1.58 -5.11 -32.87
C PHE A 349 1.94 -3.63 -32.78
N GLN A 350 3.22 -3.34 -32.71
CA GLN A 350 3.71 -1.96 -32.62
C GLN A 350 3.26 -1.12 -33.78
N LYS A 351 3.42 -1.65 -34.98
N LYS A 351 3.22 -1.73 -34.95
CA LYS A 351 3.12 -0.91 -36.20
CA LYS A 351 2.74 -1.08 -36.16
C LYS A 351 1.65 -0.54 -36.22
C LYS A 351 1.24 -0.81 -36.13
N GLU A 352 0.81 -1.53 -35.88
N GLU A 352 0.43 -1.83 -35.81
CA GLU A 352 -0.65 -1.36 -35.89
CA GLU A 352 -1.02 -1.62 -35.81
C GLU A 352 -1.16 -0.42 -34.80
C GLU A 352 -1.42 -0.62 -34.70
N LEU A 353 -0.69 -0.62 -33.58
CA LEU A 353 -1.01 0.33 -32.50
C LEU A 353 -0.61 1.76 -32.88
N LYS A 354 0.57 1.90 -33.49
CA LYS A 354 1.05 3.21 -33.95
C LYS A 354 0.07 3.84 -34.94
N GLU A 355 -0.39 3.06 -35.91
CA GLU A 355 -1.33 3.58 -36.92
C GLU A 355 -2.64 4.05 -36.29
N ILE A 356 -3.12 3.29 -35.30
CA ILE A 356 -4.34 3.62 -34.58
C ILE A 356 -4.10 4.83 -33.67
N GLN A 357 -3.03 4.80 -32.89
CA GLN A 357 -2.79 5.83 -31.88
C GLN A 357 -2.50 7.22 -32.45
N TYR A 358 -1.78 7.30 -33.55
CA TYR A 358 -1.43 8.59 -34.15
C TYR A 358 -2.40 9.04 -35.26
N GLY A 359 -3.52 8.35 -35.40
CA GLY A 359 -4.59 8.79 -36.32
C GLY A 359 -4.40 8.46 -37.79
N ILE A 360 -3.44 7.59 -38.07
CA ILE A 360 -3.17 7.15 -39.46
C ILE A 360 -4.32 6.30 -39.97
N ARG A 361 -4.90 5.50 -39.06
CA ARG A 361 -6.06 4.67 -39.35
C ARG A 361 -7.16 5.07 -38.37
N ALA A 362 -8.28 5.61 -38.87
CA ALA A 362 -9.42 5.98 -38.01
C ALA A 362 -9.91 4.74 -37.28
N HIS A 363 -10.19 4.87 -35.98
CA HIS A 363 -10.53 3.72 -35.15
C HIS A 363 -11.35 4.08 -33.90
N GLU A 364 -12.29 3.20 -33.54
CA GLU A 364 -13.18 3.44 -32.41
C GLU A 364 -12.45 3.38 -31.05
N TRP A 365 -11.24 2.85 -31.05
CA TRP A 365 -10.43 2.80 -29.83
C TRP A 365 -9.93 4.18 -29.42
N MET A 366 -9.90 5.14 -30.35
CA MET A 366 -9.40 6.47 -30.06
C MET A 366 -10.54 7.44 -29.73
N PHE A 367 -10.28 8.27 -28.70
CA PHE A 367 -11.20 9.27 -28.20
C PHE A 367 -10.62 10.63 -28.53
N PRO A 368 -11.30 11.39 -29.40
CA PRO A 368 -10.71 12.66 -29.76
C PRO A 368 -10.84 13.70 -28.66
N VAL A 369 -9.78 14.49 -28.51
CA VAL A 369 -9.78 15.63 -27.62
C VAL A 369 -10.28 16.84 -28.40
N SER B 2 34.30 5.36 10.88
CA SER B 2 33.97 5.75 12.29
C SER B 2 34.36 7.19 12.65
N HIS B 3 34.83 7.95 11.66
CA HIS B 3 35.25 9.34 11.88
C HIS B 3 34.16 10.36 11.55
N MET B 4 33.19 9.94 10.73
CA MET B 4 32.14 10.85 10.27
C MET B 4 31.07 10.99 11.34
N ALA B 5 30.44 12.16 11.36
CA ALA B 5 29.28 12.38 12.21
C ALA B 5 28.13 11.55 11.64
N SER B 6 27.20 11.15 12.50
CA SER B 6 26.03 10.38 12.05
C SER B 6 25.25 11.21 11.02
N SER B 7 24.77 10.54 9.97
CA SER B 7 23.96 11.19 8.94
C SER B 7 22.59 11.59 9.49
N SER B 8 22.15 10.88 10.53
CA SER B 8 20.87 11.14 11.16
C SER B 8 20.73 12.58 11.61
N PHE B 9 19.49 13.07 11.61
CA PHE B 9 19.16 14.32 12.29
C PHE B 9 19.47 14.11 13.78
N LYS B 10 19.72 15.20 14.49
CA LYS B 10 20.11 15.17 15.90
C LYS B 10 19.15 15.93 16.79
N ALA B 11 18.78 15.31 17.92
CA ALA B 11 17.95 15.99 18.90
C ALA B 11 18.63 17.28 19.37
N ALA B 12 19.97 17.27 19.41
CA ALA B 12 20.77 18.45 19.78
C ALA B 12 20.50 19.68 18.90
N ASP B 13 20.07 19.43 17.66
CA ASP B 13 19.78 20.50 16.69
C ASP B 13 18.31 20.88 16.60
N LEU B 14 17.49 20.37 17.53
CA LEU B 14 16.06 20.65 17.54
C LEU B 14 15.73 22.14 17.50
N GLN B 15 14.74 22.48 16.68
CA GLN B 15 14.26 23.85 16.57
C GLN B 15 12.84 23.87 17.10
N LEU B 16 12.52 24.90 17.90
CA LEU B 16 11.23 24.97 18.55
C LEU B 16 10.44 26.22 18.17
N GLU B 17 9.17 26.01 17.81
CA GLU B 17 8.22 27.09 17.56
C GLU B 17 6.90 26.73 18.22
N MET B 18 6.51 27.53 19.22
CA MET B 18 5.29 27.30 19.97
C MET B 18 4.06 27.88 19.28
N THR B 19 2.89 27.29 19.53
CA THR B 19 1.62 27.71 18.92
C THR B 19 1.18 29.06 19.47
N GLN B 20 0.60 29.87 18.60
CA GLN B 20 0.09 31.18 18.99
C GLN B 20 -1.29 31.02 19.60
N LYS B 21 -2.07 30.06 19.07
CA LYS B 21 -3.43 29.79 19.54
C LYS B 21 -3.57 28.32 20.00
N PRO B 22 -3.24 28.04 21.28
CA PRO B 22 -3.43 26.68 21.75
C PRO B 22 -4.91 26.29 21.72
N HIS B 23 -5.21 25.05 21.33
CA HIS B 23 -6.57 24.56 21.31
C HIS B 23 -6.96 24.13 22.72
N LYS B 24 -8.25 24.21 23.03
CA LYS B 24 -8.74 23.74 24.32
C LYS B 24 -8.77 22.22 24.32
N LYS B 25 -8.27 21.62 25.39
CA LYS B 25 -8.20 20.17 25.51
C LYS B 25 -9.63 19.61 25.55
N PRO B 26 -9.79 18.28 25.40
CA PRO B 26 -11.12 17.68 25.56
C PRO B 26 -11.65 17.87 26.98
N GLY B 27 -12.97 17.93 27.12
CA GLY B 27 -13.62 18.14 28.42
C GLY B 27 -13.39 17.02 29.42
N LEU B 32 -15.26 10.52 23.34
CA LEU B 32 -14.07 10.88 22.58
C LEU B 32 -13.65 9.75 21.64
N VAL B 33 -14.01 9.87 20.35
CA VAL B 33 -13.65 8.86 19.34
C VAL B 33 -12.14 8.83 19.16
N PHE B 34 -11.59 7.66 18.89
CA PHE B 34 -10.14 7.54 18.72
C PHE B 34 -9.64 8.21 17.43
N GLY B 35 -8.50 8.89 17.54
CA GLY B 35 -7.75 9.37 16.38
C GLY B 35 -8.24 10.59 15.64
N LYS B 36 -9.16 11.35 16.24
CA LYS B 36 -9.69 12.56 15.58
C LYS B 36 -9.31 13.85 16.29
N THR B 37 -8.78 13.74 17.51
CA THR B 37 -8.42 14.90 18.30
C THR B 37 -6.92 14.93 18.41
N PHE B 38 -6.30 16.04 17.98
CA PHE B 38 -4.86 16.17 17.99
C PHE B 38 -4.39 17.28 18.91
N THR B 39 -3.13 17.18 19.31
CA THR B 39 -2.52 18.15 20.22
C THR B 39 -1.99 19.39 19.48
N ASP B 40 -1.43 20.34 20.22
CA ASP B 40 -0.96 21.62 19.61
C ASP B 40 0.29 21.59 18.74
N HIS B 41 1.19 20.63 18.97
CA HIS B 41 2.43 20.60 18.24
C HIS B 41 2.65 19.27 17.57
N MET B 42 3.59 19.27 16.63
CA MET B 42 3.99 18.12 15.85
C MET B 42 5.49 18.21 15.63
N LEU B 43 6.12 17.06 15.36
CA LEU B 43 7.51 17.00 14.98
C LEU B 43 7.56 16.91 13.47
N MET B 44 8.54 17.57 12.87
CA MET B 44 8.79 17.44 11.43
C MET B 44 10.28 17.44 11.15
N VAL B 45 10.70 16.54 10.26
CA VAL B 45 12.08 16.49 9.79
C VAL B 45 12.06 16.20 8.29
N GLU B 46 12.84 16.96 7.52
CA GLU B 46 12.91 16.79 6.07
C GLU B 46 14.23 16.15 5.64
N TRP B 47 14.15 15.34 4.60
CA TRP B 47 15.30 14.68 4.04
C TRP B 47 15.39 14.95 2.55
N ASN B 48 16.59 15.25 2.07
CA ASN B 48 16.82 15.48 0.63
C ASN B 48 18.24 15.04 0.22
N ASP B 49 18.73 15.53 -0.92
CA ASP B 49 20.04 15.10 -1.43
C ASP B 49 21.23 15.53 -0.56
N LYS B 50 21.04 16.51 0.32
CA LYS B 50 22.07 16.83 1.31
C LYS B 50 21.71 16.27 2.69
N GLY B 51 20.91 15.21 2.71
CA GLY B 51 20.60 14.48 3.94
C GLY B 51 19.49 15.05 4.79
N TRP B 52 19.52 14.73 6.08
CA TRP B 52 18.48 15.18 6.99
C TRP B 52 18.68 16.63 7.38
N GLY B 53 17.60 17.40 7.35
CA GLY B 53 17.62 18.75 7.87
C GLY B 53 17.57 18.66 9.39
N GLN B 54 17.49 19.82 10.04
CA GLN B 54 17.35 19.85 11.49
C GLN B 54 15.93 19.47 11.87
N PRO B 55 15.77 18.67 12.95
CA PRO B 55 14.41 18.35 13.34
C PRO B 55 13.72 19.57 13.93
N ARG B 56 12.41 19.65 13.79
CA ARG B 56 11.68 20.78 14.38
C ARG B 56 10.36 20.40 15.02
N ILE B 57 10.09 21.05 16.14
CA ILE B 57 8.79 20.99 16.79
C ILE B 57 8.10 22.27 16.38
N GLN B 58 6.90 22.12 15.82
CA GLN B 58 6.16 23.24 15.27
C GLN B 58 4.70 23.09 15.61
N PRO B 59 3.92 24.17 15.44
CA PRO B 59 2.51 24.04 15.68
C PRO B 59 1.92 23.03 14.70
N PHE B 60 0.91 22.31 15.15
CA PHE B 60 0.19 21.35 14.32
C PHE B 60 -0.23 22.12 13.08
N GLN B 61 0.08 21.58 11.90
CA GLN B 61 -0.24 22.28 10.65
C GLN B 61 -0.26 21.33 9.48
N ASN B 62 -0.84 21.77 8.37
CA ASN B 62 -0.95 20.94 7.18
C ASN B 62 0.39 20.66 6.52
N LEU B 63 0.41 19.56 5.76
CA LEU B 63 1.54 19.18 4.97
C LEU B 63 1.29 19.81 3.61
N THR B 64 2.36 20.23 2.95
CA THR B 64 2.30 20.75 1.58
C THR B 64 3.08 19.78 0.71
N LEU B 65 2.39 19.08 -0.20
CA LEU B 65 3.06 18.06 -0.99
C LEU B 65 2.90 18.33 -2.48
N HIS B 66 3.98 18.07 -3.22
CA HIS B 66 3.97 18.12 -4.68
C HIS B 66 2.96 17.07 -5.16
N PRO B 67 2.18 17.37 -6.21
CA PRO B 67 1.12 16.42 -6.61
C PRO B 67 1.61 15.08 -7.15
N ALA B 68 2.88 14.98 -7.51
CA ALA B 68 3.50 13.74 -7.94
C ALA B 68 4.17 12.99 -6.77
N SER B 69 3.98 13.46 -5.55
CA SER B 69 4.66 12.85 -4.39
C SER B 69 4.49 11.33 -4.36
N SER B 70 5.62 10.62 -4.28
CA SER B 70 5.62 9.15 -4.28
C SER B 70 4.86 8.58 -3.07
N SER B 71 4.74 9.37 -2.00
CA SER B 71 3.87 8.98 -0.89
C SER B 71 2.40 8.72 -1.27
N LEU B 72 1.92 9.38 -2.34
CA LEU B 72 0.53 9.35 -2.77
C LEU B 72 0.27 8.49 -4.00
N HIS B 73 1.31 8.24 -4.79
CA HIS B 73 1.18 7.44 -6.01
C HIS B 73 1.59 6.00 -5.80
N TYR B 74 2.69 5.76 -5.08
CA TYR B 74 3.24 4.40 -4.91
C TYR B 74 3.38 3.96 -3.45
N SER B 75 2.61 4.59 -2.58
CA SER B 75 2.54 4.19 -1.17
C SER B 75 3.91 4.09 -0.48
N LEU B 76 4.78 5.06 -0.72
CA LEU B 76 6.03 5.14 0.01
C LEU B 76 5.70 5.80 1.33
N GLN B 77 5.16 4.99 2.23
CA GLN B 77 4.67 5.47 3.51
C GLN B 77 4.70 4.34 4.53
N LEU B 78 5.07 4.70 5.75
CA LEU B 78 5.06 3.77 6.87
C LEU B 78 4.74 4.57 8.12
N PHE B 79 4.34 3.87 9.16
CA PHE B 79 3.96 4.55 10.40
C PHE B 79 4.23 3.67 11.61
N GLU B 80 4.12 4.31 12.76
CA GLU B 80 4.18 3.62 14.05
C GLU B 80 3.04 4.03 14.95
N GLY B 81 2.88 3.28 16.03
CA GLY B 81 1.86 3.56 17.01
C GLY B 81 2.37 3.11 18.35
N MET B 82 2.45 4.05 19.28
N MET B 82 2.42 4.04 19.29
CA MET B 82 2.90 3.71 20.65
CA MET B 82 2.82 3.69 20.65
C MET B 82 2.27 4.70 21.63
C MET B 82 2.10 4.62 21.62
N LYS B 83 2.19 4.31 22.91
CA LYS B 83 1.49 5.13 23.90
C LYS B 83 2.38 5.63 25.03
N ALA B 84 2.03 6.82 25.49
CA ALA B 84 2.61 7.43 26.68
C ALA B 84 1.49 7.49 27.70
N PHE B 85 1.84 7.28 28.97
CA PHE B 85 0.87 7.16 30.05
C PHE B 85 1.30 8.10 31.17
N LYS B 86 0.33 8.70 31.83
CA LYS B 86 0.62 9.67 32.87
C LYS B 86 0.28 9.05 34.21
N GLY B 87 1.30 8.93 35.07
CA GLY B 87 1.15 8.37 36.41
C GLY B 87 0.62 9.37 37.42
N LYS B 88 0.33 8.90 38.62
CA LYS B 88 -0.18 9.74 39.71
C LYS B 88 0.75 10.93 39.99
N ASP B 89 2.04 10.72 39.83
CA ASP B 89 3.00 11.81 40.01
C ASP B 89 3.01 12.80 38.82
N GLN B 90 1.93 12.80 38.01
CA GLN B 90 1.83 13.59 36.76
C GLN B 90 3.00 13.34 35.81
N GLN B 91 3.72 12.26 36.07
CA GLN B 91 4.91 11.88 35.32
C GLN B 91 4.43 11.10 34.11
N VAL B 92 4.99 11.43 32.96
CA VAL B 92 4.64 10.75 31.70
C VAL B 92 5.72 9.75 31.34
N ARG B 93 5.29 8.56 30.90
CA ARG B 93 6.18 7.48 30.55
C ARG B 93 5.75 6.79 29.24
N LEU B 94 6.71 6.56 28.34
CA LEU B 94 6.45 5.78 27.11
C LEU B 94 6.69 4.28 27.34
N PHE B 95 5.82 3.44 26.79
CA PHE B 95 5.95 1.98 26.91
C PHE B 95 6.82 1.40 25.80
N ARG B 96 7.95 0.79 26.18
CA ARG B 96 8.89 0.12 25.29
C ARG B 96 9.10 0.79 23.91
N PRO B 97 9.34 2.12 23.90
CA PRO B 97 9.39 2.85 22.63
C PRO B 97 10.53 2.43 21.73
N TRP B 98 11.60 1.89 22.31
CA TRP B 98 12.73 1.40 21.55
C TRP B 98 12.30 0.34 20.54
N LEU B 99 11.32 -0.49 20.91
CA LEU B 99 10.86 -1.54 20.00
C LEU B 99 10.14 -0.91 18.80
N ASN B 100 9.39 0.15 19.06
CA ASN B 100 8.73 0.87 17.96
C ASN B 100 9.74 1.51 17.03
N MET B 101 10.84 2.04 17.59
CA MET B 101 11.88 2.63 16.78
C MET B 101 12.56 1.57 15.91
N ASP B 102 12.82 0.38 16.49
CA ASP B 102 13.44 -0.74 15.78
C ASP B 102 12.53 -1.11 14.59
N ARG B 103 11.24 -1.24 14.86
CA ARG B 103 10.28 -1.66 13.83
C ARG B 103 10.16 -0.59 12.75
N MET B 104 10.12 0.67 13.15
CA MET B 104 10.05 1.77 12.19
C MET B 104 11.25 1.74 11.24
N LEU B 105 12.44 1.50 11.77
CA LEU B 105 13.62 1.45 10.93
C LEU B 105 13.59 0.28 9.95
N ARG B 106 13.08 -0.88 10.38
CA ARG B 106 12.92 -2.02 9.48
C ARG B 106 11.96 -1.64 8.34
N SER B 107 10.85 -1.01 8.67
CA SER B 107 9.87 -0.56 7.66
C SER B 107 10.51 0.39 6.66
N ALA B 108 11.31 1.32 7.17
CA ALA B 108 11.98 2.30 6.32
C ALA B 108 12.91 1.61 5.34
N MET B 109 13.66 0.62 5.80
CA MET B 109 14.59 -0.08 4.91
C MET B 109 13.84 -0.86 3.85
N ARG B 110 12.71 -1.44 4.22
CA ARG B 110 11.94 -2.20 3.25
C ARG B 110 11.42 -1.35 2.08
N LEU B 111 11.18 -0.06 2.35
CA LEU B 111 10.65 0.88 1.34
C LEU B 111 11.71 1.81 0.75
N CYS B 112 12.98 1.52 1.04
CA CYS B 112 14.09 2.34 0.51
C CYS B 112 13.98 3.80 0.93
N LEU B 113 13.47 4.03 2.15
CA LEU B 113 13.34 5.36 2.73
C LEU B 113 14.57 5.54 3.61
N PRO B 114 14.93 6.80 3.91
CA PRO B 114 16.16 7.09 4.63
C PRO B 114 16.21 6.61 6.06
N SER B 115 17.35 6.01 6.38
CA SER B 115 17.69 5.58 7.71
C SER B 115 17.80 6.80 8.63
N PHE B 116 17.68 6.54 9.92
CA PHE B 116 17.84 7.56 10.93
C PHE B 116 18.29 6.87 12.21
N ASP B 117 18.70 7.68 13.19
CA ASP B 117 19.17 7.14 14.45
C ASP B 117 18.00 6.98 15.41
N LYS B 118 17.77 5.75 15.84
CA LYS B 118 16.60 5.44 16.68
C LYS B 118 16.54 6.24 17.97
N LEU B 119 17.69 6.44 18.62
CA LEU B 119 17.72 7.23 19.84
C LEU B 119 17.53 8.72 19.62
N GLU B 120 17.97 9.25 18.47
CA GLU B 120 17.74 10.66 18.14
C GLU B 120 16.25 10.91 17.92
N LEU B 121 15.60 10.03 17.15
CA LEU B 121 14.15 10.18 16.99
C LEU B 121 13.44 10.06 18.34
N LEU B 122 13.83 9.11 19.16
CA LEU B 122 13.13 8.90 20.44
C LEU B 122 13.25 10.16 21.32
N GLU B 123 14.43 10.77 21.33
CA GLU B 123 14.65 12.01 22.08
C GLU B 123 13.80 13.17 21.52
N CYS B 124 13.72 13.31 20.19
CA CYS B 124 12.83 14.30 19.60
C CYS B 124 11.37 14.06 19.99
N ILE B 125 10.96 12.80 20.03
CA ILE B 125 9.59 12.46 20.40
C ILE B 125 9.36 12.81 21.88
N ARG B 126 10.36 12.53 22.72
CA ARG B 126 10.26 12.87 24.13
C ARG B 126 10.07 14.37 24.31
N ARG B 127 10.83 15.14 23.54
CA ARG B 127 10.73 16.61 23.57
C ARG B 127 9.34 17.08 23.16
N LEU B 128 8.77 16.50 22.08
CA LEU B 128 7.42 16.87 21.65
C LEU B 128 6.38 16.59 22.73
N ILE B 129 6.47 15.41 23.33
CA ILE B 129 5.49 15.05 24.32
C ILE B 129 5.63 15.97 25.55
N GLU B 130 6.86 16.35 25.85
CA GLU B 130 7.14 17.28 26.96
C GLU B 130 6.43 18.63 26.73
N VAL B 131 6.52 19.13 25.50
CA VAL B 131 5.85 20.37 25.13
C VAL B 131 4.33 20.23 25.27
N ASP B 132 3.78 19.10 24.83
CA ASP B 132 2.35 18.88 24.89
C ASP B 132 1.94 18.01 26.09
N LYS B 133 2.76 18.01 27.14
CA LYS B 133 2.49 17.17 28.34
C LYS B 133 1.09 17.33 28.92
N ASP B 134 0.58 18.55 28.94
CA ASP B 134 -0.76 18.78 29.49
C ASP B 134 -1.87 18.13 28.65
N TRP B 135 -1.52 17.68 27.44
CA TRP B 135 -2.46 16.93 26.64
C TRP B 135 -2.55 15.45 27.05
N VAL B 136 -1.59 14.96 27.83
CA VAL B 136 -1.61 13.54 28.23
C VAL B 136 -2.66 13.42 29.32
N PRO B 137 -3.73 12.65 29.08
CA PRO B 137 -4.78 12.51 30.09
C PRO B 137 -4.30 11.65 31.27
N ASP B 138 -4.94 11.77 32.41
CA ASP B 138 -4.56 10.97 33.59
C ASP B 138 -5.70 10.15 34.17
N ALA B 139 -6.87 10.21 33.52
CA ALA B 139 -8.01 9.43 33.94
C ALA B 139 -7.74 7.96 33.68
N ALA B 140 -8.43 7.11 34.44
CA ALA B 140 -8.30 5.67 34.31
C ALA B 140 -8.39 5.23 32.86
N GLY B 141 -7.43 4.42 32.43
CA GLY B 141 -7.45 3.83 31.10
C GLY B 141 -7.10 4.76 29.95
N THR B 142 -6.81 6.02 30.24
CA THR B 142 -6.52 7.00 29.20
C THR B 142 -5.04 7.04 28.92
N SER B 143 -4.68 7.58 27.76
CA SER B 143 -3.30 7.67 27.36
C SER B 143 -3.15 8.69 26.24
N LEU B 144 -1.90 8.90 25.84
CA LEU B 144 -1.59 9.68 24.66
C LEU B 144 -1.04 8.75 23.60
N TYR B 145 -1.72 8.73 22.44
CA TYR B 145 -1.25 7.91 21.33
C TYR B 145 -0.28 8.73 20.49
N VAL B 146 0.87 8.14 20.18
CA VAL B 146 1.94 8.75 19.42
C VAL B 146 1.99 8.11 18.04
N ARG B 147 1.87 8.94 16.99
CA ARG B 147 1.84 8.46 15.60
C ARG B 147 3.00 9.04 14.79
N PRO B 148 4.15 8.33 14.78
CA PRO B 148 5.22 8.70 13.85
C PRO B 148 4.91 8.22 12.43
N VAL B 149 5.35 8.98 11.46
CA VAL B 149 5.15 8.67 10.05
C VAL B 149 6.41 9.03 9.25
N LEU B 150 6.76 8.18 8.30
CA LEU B 150 7.82 8.49 7.35
C LEU B 150 7.27 8.27 5.97
N ILE B 151 7.37 9.29 5.11
CA ILE B 151 6.89 9.18 3.74
C ILE B 151 7.93 9.62 2.73
N GLY B 152 7.92 8.94 1.58
CA GLY B 152 8.65 9.39 0.40
C GLY B 152 8.02 10.63 -0.18
N ASN B 153 8.82 11.48 -0.82
CA ASN B 153 8.28 12.74 -1.32
C ASN B 153 8.98 13.22 -2.58
N GLU B 154 9.30 12.29 -3.45
CA GLU B 154 9.91 12.61 -4.75
C GLU B 154 8.85 13.24 -5.65
N PRO B 155 9.16 14.36 -6.31
CA PRO B 155 8.20 14.98 -7.21
C PRO B 155 8.30 14.42 -8.62
N SER B 156 8.22 13.10 -8.76
CA SER B 156 8.27 12.50 -10.09
C SER B 156 7.50 11.19 -10.12
N LEU B 157 6.99 10.83 -11.29
CA LEU B 157 6.19 9.60 -11.42
C LEU B 157 7.03 8.33 -11.58
N GLY B 158 8.35 8.46 -11.61
CA GLY B 158 9.20 7.25 -11.67
C GLY B 158 9.05 6.40 -10.42
N VAL B 159 8.90 5.09 -10.59
CA VAL B 159 8.87 4.18 -9.45
C VAL B 159 10.34 3.97 -9.10
N SER B 160 10.79 4.61 -8.03
CA SER B 160 12.23 4.65 -7.71
C SER B 160 12.47 5.01 -6.25
N GLN B 161 13.69 4.75 -5.76
CA GLN B 161 14.04 5.16 -4.39
C GLN B 161 14.00 6.67 -4.31
N PRO B 162 13.25 7.23 -3.33
CA PRO B 162 13.11 8.68 -3.37
C PRO B 162 14.36 9.39 -2.93
N THR B 163 14.53 10.60 -3.41
CA THR B 163 15.64 11.44 -3.03
C THR B 163 15.17 12.46 -2.02
N ARG B 164 13.88 12.43 -1.68
CA ARG B 164 13.29 13.31 -0.69
C ARG B 164 12.30 12.52 0.19
N ALA B 165 12.25 12.87 1.46
CA ALA B 165 11.36 12.21 2.40
C ALA B 165 10.98 13.17 3.52
N LEU B 166 9.88 12.88 4.20
CA LEU B 166 9.45 13.65 5.34
C LEU B 166 9.14 12.70 6.48
N LEU B 167 9.64 13.03 7.67
CA LEU B 167 9.33 12.26 8.88
C LEU B 167 8.60 13.21 9.81
N PHE B 168 7.42 12.83 10.27
CA PHE B 168 6.67 13.67 11.19
C PHE B 168 6.02 12.83 12.28
N VAL B 169 5.62 13.50 13.34
CA VAL B 169 5.00 12.83 14.47
C VAL B 169 3.86 13.67 14.97
N ILE B 170 2.70 13.04 15.12
CA ILE B 170 1.54 13.71 15.67
C ILE B 170 1.03 12.93 16.87
N LEU B 171 0.26 13.63 17.71
CA LEU B 171 -0.21 13.10 18.99
C LEU B 171 -1.70 13.21 19.18
N CYS B 172 -2.29 12.19 19.82
N CYS B 172 -2.26 12.26 19.94
CA CYS B 172 -3.72 12.14 20.08
CA CYS B 172 -3.69 12.12 20.04
C CYS B 172 -3.98 11.72 21.52
C CYS B 172 -4.13 11.63 21.44
N PRO B 173 -4.75 12.52 22.27
CA PRO B 173 -5.21 11.98 23.55
C PRO B 173 -6.30 10.95 23.29
N VAL B 174 -6.28 9.83 24.02
CA VAL B 174 -7.27 8.79 23.82
C VAL B 174 -7.93 8.41 25.15
N GLY B 175 -9.22 8.12 25.07
CA GLY B 175 -10.01 7.74 26.23
C GLY B 175 -9.83 6.26 26.50
N ALA B 176 -10.43 5.80 27.60
CA ALA B 176 -10.38 4.39 27.98
C ALA B 176 -10.94 3.52 26.86
N TYR B 177 -10.25 2.44 26.52
CA TYR B 177 -10.73 1.53 25.46
C TYR B 177 -12.00 0.80 25.90
N PHE B 178 -12.04 0.39 27.16
CA PHE B 178 -13.22 -0.27 27.72
C PHE B 178 -13.93 0.71 28.65
N PRO B 179 -15.14 1.18 28.26
CA PRO B 179 -15.89 2.08 29.14
C PRO B 179 -16.25 1.40 30.47
N GLY B 180 -15.76 1.96 31.57
CA GLY B 180 -16.01 1.41 32.91
C GLY B 180 -14.81 0.67 33.48
N GLY B 181 -13.82 0.39 32.64
CA GLY B 181 -12.63 -0.33 33.07
C GLY B 181 -12.89 -1.81 33.28
N SER B 182 -13.68 -2.41 32.38
CA SER B 182 -13.99 -3.84 32.41
C SER B 182 -13.98 -4.38 30.99
N VAL B 183 -13.07 -5.32 30.71
CA VAL B 183 -12.97 -5.93 29.38
C VAL B 183 -14.30 -6.46 28.87
N THR B 184 -14.56 -6.21 27.59
N THR B 184 -14.57 -6.20 27.59
CA THR B 184 -15.74 -6.73 26.93
CA THR B 184 -15.75 -6.69 26.90
C THR B 184 -15.27 -7.43 25.64
C THR B 184 -15.29 -7.41 25.62
N PRO B 185 -15.83 -8.61 25.36
CA PRO B 185 -15.37 -9.39 24.22
C PRO B 185 -15.90 -8.97 22.85
N VAL B 186 -15.19 -9.38 21.81
CA VAL B 186 -15.58 -9.13 20.42
C VAL B 186 -15.86 -10.41 19.65
N SER B 187 -16.64 -10.26 18.59
CA SER B 187 -16.95 -11.33 17.66
C SER B 187 -16.11 -11.11 16.41
N LEU B 188 -15.68 -12.20 15.79
CA LEU B 188 -14.79 -12.16 14.63
C LEU B 188 -15.39 -12.91 13.43
N LEU B 189 -15.18 -12.36 12.23
CA LEU B 189 -15.52 -13.06 11.00
C LEU B 189 -14.25 -13.74 10.53
N ALA B 190 -14.33 -15.05 10.27
CA ALA B 190 -13.19 -15.85 9.83
C ALA B 190 -13.52 -16.40 8.46
N ASP B 191 -13.27 -15.60 7.43
CA ASP B 191 -13.52 -15.98 6.05
C ASP B 191 -12.20 -16.03 5.27
N PRO B 192 -11.82 -17.24 4.79
CA PRO B 192 -10.54 -17.40 4.09
C PRO B 192 -10.40 -16.71 2.73
N ALA B 193 -11.47 -16.08 2.24
CA ALA B 193 -11.44 -15.35 0.98
C ALA B 193 -10.55 -14.09 0.97
N PHE B 194 -10.44 -13.47 2.14
N PHE B 194 -10.49 -13.36 2.08
CA PHE B 194 -9.68 -12.25 2.31
CA PHE B 194 -9.64 -12.15 2.11
C PHE B 194 -8.31 -12.63 2.89
C PHE B 194 -8.37 -12.42 2.90
N ILE B 195 -7.24 -12.21 2.23
CA ILE B 195 -5.91 -12.52 2.77
C ILE B 195 -5.11 -11.25 2.97
N ARG B 196 -4.75 -11.00 4.24
CA ARG B 196 -4.08 -9.77 4.68
C ARG B 196 -2.67 -9.62 4.15
N ALA B 197 -1.96 -10.74 4.08
CA ALA B 197 -0.54 -10.77 3.79
C ALA B 197 -0.11 -12.16 3.35
N TRP B 198 1.02 -12.25 2.67
CA TRP B 198 1.51 -13.52 2.13
C TRP B 198 2.97 -13.69 2.50
N VAL B 199 3.40 -14.95 2.58
CA VAL B 199 4.83 -15.22 2.78
C VAL B 199 5.63 -14.58 1.65
N GLY B 200 6.69 -13.85 2.01
CA GLY B 200 7.51 -13.15 1.04
C GLY B 200 7.00 -11.74 0.80
N GLY B 201 5.86 -11.41 1.42
CA GLY B 201 5.27 -10.10 1.26
C GLY B 201 5.77 -9.11 2.30
N VAL B 202 4.91 -8.17 2.67
CA VAL B 202 5.30 -7.08 3.59
C VAL B 202 4.38 -6.97 4.82
N GLY B 203 3.69 -8.05 5.15
CA GLY B 203 2.78 -8.04 6.29
C GLY B 203 3.46 -7.89 7.63
N ASN B 204 4.75 -8.20 7.69
CA ASN B 204 5.52 -8.07 8.90
C ASN B 204 6.15 -6.70 9.07
N TYR B 205 5.78 -5.76 8.21
CA TYR B 205 6.18 -4.35 8.35
C TYR B 205 4.93 -3.49 8.49
N LYS B 206 5.08 -2.35 9.17
CA LYS B 206 3.96 -1.48 9.45
C LYS B 206 3.89 -0.42 8.34
N LEU B 207 3.48 -0.89 7.16
CA LEU B 207 3.37 -0.07 5.95
C LEU B 207 1.92 0.31 5.72
N GLY B 208 1.66 1.56 5.31
CA GLY B 208 0.31 1.98 5.02
C GLY B 208 -0.45 1.06 4.08
N GLY B 209 0.26 0.53 3.08
CA GLY B 209 -0.32 -0.38 2.08
C GLY B 209 -1.00 -1.61 2.61
N ASN B 210 -0.61 -2.05 3.80
CA ASN B 210 -1.25 -3.22 4.39
C ASN B 210 -2.64 -2.95 4.94
N TYR B 211 -2.96 -1.67 5.17
CA TYR B 211 -4.19 -1.30 5.87
C TYR B 211 -5.37 -0.87 4.99
N GLY B 212 -5.11 -0.08 3.95
CA GLY B 212 -6.20 0.39 3.08
C GLY B 212 -7.08 -0.74 2.56
N PRO B 213 -6.49 -1.85 2.10
CA PRO B 213 -7.29 -2.97 1.60
C PRO B 213 -8.19 -3.65 2.65
N THR B 214 -7.96 -3.39 3.93
CA THR B 214 -8.76 -4.02 4.98
C THR B 214 -10.09 -3.30 5.25
N VAL B 215 -10.23 -2.07 4.76
CA VAL B 215 -11.42 -1.29 5.06
C VAL B 215 -12.69 -1.99 4.57
N LEU B 216 -12.70 -2.43 3.32
CA LEU B 216 -13.85 -3.15 2.77
C LEU B 216 -14.12 -4.45 3.50
N VAL B 217 -13.05 -5.13 3.94
CA VAL B 217 -13.20 -6.41 4.62
C VAL B 217 -13.87 -6.20 5.99
N GLN B 218 -13.43 -5.18 6.71
CA GLN B 218 -14.03 -4.82 7.99
C GLN B 218 -15.52 -4.49 7.78
N GLN B 219 -15.86 -3.84 6.67
CA GLN B 219 -17.27 -3.54 6.36
C GLN B 219 -18.08 -4.81 6.16
N GLU B 220 -17.49 -5.79 5.49
CA GLU B 220 -18.14 -7.10 5.32
C GLU B 220 -18.36 -7.76 6.67
N ALA B 221 -17.38 -7.66 7.55
CA ALA B 221 -17.51 -8.26 8.88
C ALA B 221 -18.71 -7.67 9.61
N LEU B 222 -18.86 -6.36 9.59
CA LEU B 222 -20.03 -5.71 10.20
C LEU B 222 -21.31 -6.15 9.53
N LYS B 223 -21.33 -6.11 8.20
CA LYS B 223 -22.50 -6.56 7.44
C LYS B 223 -22.93 -7.95 7.91
N ARG B 224 -21.96 -8.80 8.23
CA ARG B 224 -22.25 -10.16 8.71
C ARG B 224 -22.44 -10.27 10.23
N GLY B 225 -22.59 -9.14 10.91
CA GLY B 225 -22.84 -9.15 12.35
C GLY B 225 -21.65 -9.39 13.27
N CYS B 226 -20.43 -9.30 12.73
CA CYS B 226 -19.22 -9.46 13.53
C CYS B 226 -18.56 -8.11 13.74
N GLU B 227 -17.66 -8.03 14.72
CA GLU B 227 -17.01 -6.76 15.07
C GLU B 227 -15.64 -6.52 14.46
N GLN B 228 -14.87 -7.59 14.29
CA GLN B 228 -13.54 -7.51 13.70
C GLN B 228 -13.27 -8.69 12.80
N VAL B 229 -12.14 -8.65 12.11
CA VAL B 229 -11.78 -9.69 11.16
C VAL B 229 -10.73 -10.63 11.77
N LEU B 230 -10.98 -11.94 11.70
CA LEU B 230 -9.97 -12.95 12.00
C LEU B 230 -9.29 -13.31 10.68
N TRP B 231 -8.03 -12.93 10.54
CA TRP B 231 -7.31 -13.14 9.29
C TRP B 231 -6.75 -14.54 9.22
N LEU B 232 -7.24 -15.31 8.25
CA LEU B 232 -6.80 -16.68 8.05
C LEU B 232 -5.78 -16.76 6.93
N TYR B 233 -4.87 -17.73 7.04
CA TYR B 233 -3.82 -17.92 6.05
C TYR B 233 -3.57 -19.38 5.75
N GLY B 234 -3.30 -19.69 4.48
CA GLY B 234 -2.92 -21.04 4.08
C GLY B 234 -4.09 -21.96 3.82
N PRO B 235 -3.82 -23.12 3.20
CA PRO B 235 -4.92 -24.05 2.93
C PRO B 235 -5.46 -24.68 4.22
N ASP B 236 -4.67 -24.62 5.29
CA ASP B 236 -5.08 -25.15 6.59
C ASP B 236 -5.69 -24.07 7.53
N HIS B 237 -6.02 -22.91 6.96
CA HIS B 237 -6.71 -21.83 7.68
C HIS B 237 -6.06 -21.52 9.02
N GLN B 238 -4.83 -21.08 8.94
CA GLN B 238 -4.08 -20.69 10.13
C GLN B 238 -4.66 -19.38 10.65
N LEU B 239 -4.80 -19.29 11.97
CA LEU B 239 -5.23 -18.03 12.58
C LEU B 239 -3.98 -17.16 12.69
N THR B 240 -3.97 -16.01 12.03
CA THR B 240 -2.76 -15.16 12.03
C THR B 240 -2.86 -13.94 12.93
N GLU B 241 -3.86 -13.11 12.68
N GLU B 241 -3.88 -13.14 12.68
CA GLU B 241 -4.07 -11.85 13.39
CA GLU B 241 -4.12 -11.90 13.41
C GLU B 241 -5.57 -11.50 13.43
C GLU B 241 -5.61 -11.60 13.53
N VAL B 242 -5.94 -10.63 14.37
CA VAL B 242 -7.34 -10.17 14.52
C VAL B 242 -7.36 -8.67 14.30
N GLY B 243 -8.04 -8.21 13.25
CA GLY B 243 -8.03 -6.79 12.93
C GLY B 243 -6.59 -6.31 12.83
N THR B 244 -6.24 -5.36 13.72
CA THR B 244 -4.87 -4.84 13.84
C THR B 244 -4.23 -5.28 15.16
N MET B 245 -4.50 -6.52 15.57
CA MET B 245 -3.98 -7.08 16.81
C MET B 245 -3.38 -8.44 16.56
N ASN B 246 -2.40 -8.84 17.37
CA ASN B 246 -1.88 -10.20 17.32
C ASN B 246 -2.84 -11.08 18.09
N ILE B 247 -2.86 -12.38 17.79
N ILE B 247 -2.81 -12.38 17.81
CA ILE B 247 -3.82 -13.31 18.41
CA ILE B 247 -3.76 -13.35 18.36
C ILE B 247 -3.10 -14.30 19.34
C ILE B 247 -3.08 -14.32 19.35
N PHE B 248 -3.74 -14.58 20.48
CA PHE B 248 -3.24 -15.50 21.50
C PHE B 248 -4.38 -16.47 21.86
N VAL B 249 -3.98 -17.70 22.18
CA VAL B 249 -4.89 -18.75 22.64
C VAL B 249 -4.29 -19.35 23.91
N TYR B 250 -5.12 -19.42 24.95
CA TYR B 250 -4.77 -20.05 26.22
C TYR B 250 -5.65 -21.29 26.35
N TRP B 251 -5.01 -22.45 26.28
CA TRP B 251 -5.72 -23.71 26.21
C TRP B 251 -4.89 -24.83 26.76
N THR B 252 -5.51 -25.98 26.98
CA THR B 252 -4.79 -27.19 27.26
C THR B 252 -4.61 -27.78 25.88
N HIS B 253 -3.36 -27.98 25.47
CA HIS B 253 -3.05 -28.44 24.12
C HIS B 253 -3.32 -29.95 23.98
N GLU B 254 -3.19 -30.44 22.75
CA GLU B 254 -3.46 -31.84 22.41
C GLU B 254 -2.60 -32.85 23.18
N ASP B 255 -1.47 -32.39 23.70
CA ASP B 255 -0.61 -33.23 24.54
C ASP B 255 -0.96 -33.16 26.04
N GLY B 256 -2.07 -32.50 26.38
CA GLY B 256 -2.52 -32.39 27.76
C GLY B 256 -1.82 -31.32 28.59
N VAL B 257 -0.99 -30.49 27.95
CA VAL B 257 -0.23 -29.44 28.67
C VAL B 257 -0.88 -28.07 28.48
N LEU B 258 -1.11 -27.39 29.60
CA LEU B 258 -1.65 -26.01 29.59
C LEU B 258 -0.59 -25.10 28.98
N GLU B 259 -0.99 -24.31 27.98
CA GLU B 259 -0.05 -23.40 27.33
C GLU B 259 -0.72 -22.14 26.81
N LEU B 260 0.09 -21.10 26.66
CA LEU B 260 -0.28 -19.88 25.97
C LEU B 260 0.46 -19.97 24.64
N VAL B 261 -0.27 -19.87 23.54
CA VAL B 261 0.32 -19.94 22.20
C VAL B 261 -0.05 -18.74 21.34
N THR B 262 0.88 -18.34 20.50
CA THR B 262 0.64 -17.28 19.51
C THR B 262 1.38 -17.67 18.23
N PRO B 263 0.88 -17.28 17.06
CA PRO B 263 1.61 -17.65 15.84
C PRO B 263 3.05 -17.10 15.76
N PRO B 264 3.96 -17.87 15.14
CA PRO B 264 5.35 -17.43 15.04
C PRO B 264 5.55 -16.31 14.01
N LEU B 265 6.67 -15.63 14.11
CA LEU B 265 7.00 -14.55 13.19
C LEU B 265 7.59 -15.12 11.93
N ASN B 266 6.71 -15.66 11.10
CA ASN B 266 7.10 -16.33 9.87
C ASN B 266 7.04 -15.42 8.65
N GLY B 267 6.69 -14.14 8.85
CA GLY B 267 6.57 -13.19 7.74
C GLY B 267 5.18 -12.64 7.46
N VAL B 268 4.12 -13.32 7.88
CA VAL B 268 2.74 -12.82 7.65
C VAL B 268 2.16 -12.19 8.92
N ILE B 269 2.97 -12.11 9.96
CA ILE B 269 2.57 -11.57 11.26
C ILE B 269 3.33 -10.30 11.53
N LEU B 270 2.65 -9.23 11.96
CA LEU B 270 3.34 -8.04 12.42
C LEU B 270 3.90 -8.34 13.81
N PRO B 271 5.20 -8.07 14.05
CA PRO B 271 5.73 -8.31 15.40
C PRO B 271 5.31 -7.24 16.41
N GLY B 272 4.15 -7.44 17.01
CA GLY B 272 3.61 -6.49 17.95
C GLY B 272 4.45 -6.32 19.20
N VAL B 273 4.48 -5.09 19.69
CA VAL B 273 5.18 -4.79 20.93
C VAL B 273 4.41 -5.39 22.09
N VAL B 274 3.08 -5.28 22.08
CA VAL B 274 2.31 -5.88 23.18
C VAL B 274 2.48 -7.39 23.14
N ARG B 275 2.40 -7.99 21.94
CA ARG B 275 2.62 -9.43 21.77
C ARG B 275 3.94 -9.89 22.41
N GLN B 276 5.03 -9.17 22.14
CA GLN B 276 6.33 -9.58 22.69
C GLN B 276 6.30 -9.47 24.21
N SER B 277 5.65 -8.42 24.70
CA SER B 277 5.54 -8.18 26.15
C SER B 277 4.75 -9.25 26.89
N LEU B 278 3.68 -9.77 26.26
CA LEU B 278 2.87 -10.83 26.84
C LEU B 278 3.68 -12.12 26.92
N LEU B 279 4.40 -12.44 25.84
CA LEU B 279 5.31 -13.59 25.84
C LEU B 279 6.35 -13.44 26.95
N ASP B 280 6.96 -12.26 27.03
CA ASP B 280 8.00 -12.00 28.04
C ASP B 280 7.45 -12.18 29.45
N MET B 281 6.26 -11.61 29.68
CA MET B 281 5.60 -11.63 30.99
C MET B 281 5.26 -13.06 31.41
N ALA B 282 4.60 -13.80 30.52
CA ALA B 282 4.23 -15.18 30.81
C ALA B 282 5.46 -16.06 31.00
N GLN B 283 6.50 -15.82 30.23
CA GLN B 283 7.73 -16.64 30.39
C GLN B 283 8.35 -16.38 31.76
N THR B 284 8.43 -15.11 32.14
CA THR B 284 8.95 -14.73 33.47
C THR B 284 8.18 -15.43 34.60
N TRP B 285 6.85 -15.48 34.52
CA TRP B 285 6.07 -16.14 35.58
C TRP B 285 6.46 -17.61 35.75
N GLY B 286 6.67 -18.31 34.64
CA GLY B 286 7.08 -19.72 34.68
C GLY B 286 6.01 -20.65 35.25
N GLU B 287 4.74 -20.34 35.00
CA GLU B 287 3.64 -21.13 35.54
C GLU B 287 3.04 -22.10 34.53
N PHE B 288 3.28 -21.83 33.25
CA PHE B 288 2.75 -22.66 32.17
C PHE B 288 3.60 -22.48 30.92
N ARG B 289 3.43 -23.39 29.97
CA ARG B 289 4.19 -23.38 28.73
C ARG B 289 3.79 -22.16 27.91
N VAL B 290 4.79 -21.47 27.39
CA VAL B 290 4.60 -20.32 26.48
C VAL B 290 5.27 -20.69 25.17
N VAL B 291 4.54 -20.59 24.07
CA VAL B 291 5.04 -21.11 22.80
C VAL B 291 4.58 -20.29 21.60
N GLU B 292 5.45 -20.19 20.59
CA GLU B 292 5.10 -19.60 19.31
C GLU B 292 4.95 -20.77 18.34
N ARG B 293 3.74 -20.98 17.87
CA ARG B 293 3.42 -22.08 16.98
C ARG B 293 2.21 -21.71 16.17
N THR B 294 2.17 -22.22 14.94
CA THR B 294 1.04 -22.08 14.06
C THR B 294 -0.20 -22.64 14.75
N ILE B 295 -1.32 -21.96 14.59
CA ILE B 295 -2.59 -22.39 15.15
C ILE B 295 -3.56 -22.50 13.99
N THR B 296 -4.23 -23.64 13.85
CA THR B 296 -5.16 -23.85 12.75
C THR B 296 -6.60 -23.89 13.25
N MET B 297 -7.54 -23.61 12.35
CA MET B 297 -8.96 -23.71 12.69
C MET B 297 -9.31 -25.14 13.09
N LYS B 298 -8.71 -26.13 12.45
CA LYS B 298 -8.96 -27.54 12.82
C LYS B 298 -8.61 -27.80 14.28
N GLN B 299 -7.45 -27.30 14.71
CA GLN B 299 -7.02 -27.39 16.11
C GLN B 299 -7.98 -26.69 17.06
N LEU B 300 -8.39 -25.48 16.70
CA LEU B 300 -9.29 -24.71 17.55
C LEU B 300 -10.66 -25.40 17.67
N LEU B 301 -11.18 -25.86 16.54
CA LEU B 301 -12.46 -26.58 16.50
C LEU B 301 -12.46 -27.77 17.43
N ARG B 302 -11.41 -28.59 17.35
CA ARG B 302 -11.27 -29.76 18.22
C ARG B 302 -11.14 -29.35 19.70
N ALA B 303 -10.29 -28.37 19.97
CA ALA B 303 -10.10 -27.91 21.35
C ALA B 303 -11.41 -27.42 21.99
N LEU B 304 -12.21 -26.70 21.20
CA LEU B 304 -13.51 -26.22 21.67
C LEU B 304 -14.47 -27.38 21.95
N GLU B 305 -14.56 -28.33 21.02
CA GLU B 305 -15.45 -29.47 21.21
C GLU B 305 -15.03 -30.27 22.46
N GLU B 306 -13.73 -30.30 22.75
CA GLU B 306 -13.21 -31.06 23.90
C GLU B 306 -13.12 -30.26 25.20
N GLY B 307 -13.61 -29.01 25.18
CA GLY B 307 -13.56 -28.14 26.36
C GLY B 307 -12.15 -27.73 26.80
N ARG B 308 -11.20 -27.69 25.86
CA ARG B 308 -9.82 -27.40 26.17
C ARG B 308 -9.42 -25.91 26.07
N VAL B 309 -10.27 -25.10 25.42
CA VAL B 309 -9.99 -23.66 25.26
C VAL B 309 -10.41 -22.88 26.47
N ARG B 310 -9.49 -22.10 27.03
CA ARG B 310 -9.84 -21.24 28.14
C ARG B 310 -10.10 -19.82 27.69
N GLU B 311 -9.13 -19.23 26.98
CA GLU B 311 -9.24 -17.83 26.58
C GLU B 311 -8.63 -17.59 25.20
N VAL B 312 -9.29 -16.77 24.39
CA VAL B 312 -8.77 -16.27 23.10
C VAL B 312 -8.80 -14.74 23.15
N PHE B 313 -7.71 -14.09 22.74
CA PHE B 313 -7.67 -12.65 22.81
C PHE B 313 -6.70 -12.05 21.80
N GLY B 314 -6.95 -10.80 21.45
CA GLY B 314 -6.01 -10.02 20.66
C GLY B 314 -5.14 -9.18 21.57
N SER B 315 -3.95 -8.83 21.07
CA SER B 315 -3.04 -7.91 21.76
C SER B 315 -2.68 -6.77 20.81
N GLY B 316 -2.53 -5.57 21.35
CA GLY B 316 -2.15 -4.43 20.52
C GLY B 316 -2.16 -3.16 21.33
N THR B 317 -1.57 -2.11 20.77
CA THR B 317 -1.47 -0.82 21.50
C THR B 317 -2.82 -0.18 21.81
N ALA B 318 -3.80 -0.42 20.94
CA ALA B 318 -5.15 0.11 21.13
C ALA B 318 -5.81 -0.24 22.48
N CYS B 319 -5.76 -1.52 22.88
CA CYS B 319 -6.47 -1.96 24.09
C CYS B 319 -5.62 -2.78 25.08
N GLN B 320 -4.37 -3.01 24.71
CA GLN B 320 -3.44 -3.92 25.38
C GLN B 320 -3.91 -5.36 25.11
N VAL B 321 -5.06 -5.74 25.69
N VAL B 321 -5.05 -5.75 25.69
CA VAL B 321 -5.58 -7.09 25.56
CA VAL B 321 -5.57 -7.12 25.60
C VAL B 321 -7.09 -7.03 25.31
C VAL B 321 -7.09 -7.13 25.38
N CYS B 322 -7.56 -7.78 24.32
CA CYS B 322 -8.99 -7.79 23.93
C CYS B 322 -9.59 -9.19 23.82
N PRO B 323 -10.54 -9.53 24.70
CA PRO B 323 -11.13 -10.86 24.61
C PRO B 323 -12.00 -11.10 23.40
N VAL B 324 -12.09 -12.37 23.00
CA VAL B 324 -12.91 -12.83 21.88
C VAL B 324 -13.92 -13.84 22.45
N HIS B 325 -15.19 -13.67 22.10
CA HIS B 325 -16.24 -14.60 22.55
C HIS B 325 -16.96 -15.36 21.42
N ARG B 326 -16.71 -14.98 20.17
CA ARG B 326 -17.40 -15.62 19.04
C ARG B 326 -16.59 -15.50 17.76
N ILE B 327 -16.61 -16.57 16.99
CA ILE B 327 -15.98 -16.61 15.67
C ILE B 327 -16.96 -17.21 14.68
N LEU B 328 -17.27 -16.45 13.63
CA LEU B 328 -18.11 -16.92 12.55
C LEU B 328 -17.22 -17.51 11.46
N TYR B 329 -17.30 -18.83 11.28
CA TYR B 329 -16.46 -19.59 10.35
C TYR B 329 -17.31 -20.60 9.57
N LYS B 330 -17.21 -20.56 8.24
CA LYS B 330 -18.00 -21.45 7.36
C LYS B 330 -19.49 -21.41 7.73
N ASP B 331 -20.01 -20.19 7.89
CA ASP B 331 -21.42 -19.94 8.25
C ASP B 331 -21.83 -20.38 9.67
N ARG B 332 -20.90 -20.96 10.43
CA ARG B 332 -21.17 -21.46 11.77
C ARG B 332 -20.63 -20.51 12.85
N ASN B 333 -21.44 -20.26 13.88
CA ASN B 333 -21.03 -19.44 15.01
C ASN B 333 -20.41 -20.29 16.11
N LEU B 334 -19.12 -20.10 16.33
CA LEU B 334 -18.36 -20.80 17.35
C LEU B 334 -18.29 -19.93 18.59
N HIS B 335 -18.84 -20.43 19.69
CA HIS B 335 -18.72 -19.72 20.94
C HIS B 335 -17.36 -19.98 21.54
N ILE B 336 -16.70 -18.91 21.96
CA ILE B 336 -15.39 -19.01 22.59
C ILE B 336 -15.59 -18.64 24.05
N PRO B 337 -15.31 -19.57 25.00
CA PRO B 337 -15.63 -19.37 26.42
C PRO B 337 -14.67 -18.50 27.23
N THR B 338 -14.08 -17.51 26.58
CA THR B 338 -13.15 -16.61 27.23
C THR B 338 -13.64 -16.01 28.55
N MET B 339 -14.81 -15.38 28.52
CA MET B 339 -15.32 -14.68 29.70
C MET B 339 -15.71 -15.66 30.81
N GLU B 340 -16.17 -16.85 30.44
CA GLU B 340 -16.49 -17.91 31.41
C GLU B 340 -15.26 -18.36 32.21
N ASN B 341 -14.09 -18.13 31.64
CA ASN B 341 -12.83 -18.50 32.28
C ASN B 341 -12.15 -17.33 33.00
N GLY B 342 -12.95 -16.31 33.30
CA GLY B 342 -12.52 -15.19 34.12
C GLY B 342 -12.85 -13.85 33.49
N PRO B 343 -12.10 -13.48 32.43
CA PRO B 343 -11.00 -14.24 31.83
C PRO B 343 -9.72 -14.01 32.66
N GLU B 344 -9.27 -15.05 33.37
CA GLU B 344 -8.17 -14.94 34.32
C GLU B 344 -6.87 -14.40 33.78
N LEU B 345 -6.40 -15.03 32.70
CA LEU B 345 -5.15 -14.62 32.09
C LEU B 345 -5.22 -13.19 31.54
N ILE B 346 -6.28 -12.90 30.80
CA ILE B 346 -6.47 -11.54 30.28
C ILE B 346 -6.41 -10.52 31.41
N LEU B 347 -7.17 -10.77 32.48
CA LEU B 347 -7.20 -9.85 33.60
C LEU B 347 -5.84 -9.69 34.25
N ARG B 348 -5.10 -10.79 34.35
CA ARG B 348 -3.78 -10.75 34.96
C ARG B 348 -2.81 -9.92 34.12
N PHE B 349 -2.80 -10.17 32.80
CA PHE B 349 -1.99 -9.37 31.89
C PHE B 349 -2.34 -7.88 31.93
N GLN B 350 -3.63 -7.57 31.93
N GLN B 350 -3.63 -7.54 31.93
CA GLN B 350 -4.11 -6.19 31.97
CA GLN B 350 -4.04 -6.15 31.95
C GLN B 350 -3.59 -5.47 33.22
C GLN B 350 -3.59 -5.45 33.24
N LYS B 351 -3.69 -6.15 34.35
CA LYS B 351 -3.31 -5.59 35.63
C LYS B 351 -1.81 -5.34 35.68
N GLU B 352 -1.02 -6.32 35.25
CA GLU B 352 0.44 -6.16 35.30
C GLU B 352 0.90 -5.05 34.33
N LEU B 353 0.30 -5.01 33.15
CA LEU B 353 0.62 -3.94 32.22
C LEU B 353 0.25 -2.55 32.77
N LYS B 354 -0.92 -2.46 33.36
CA LYS B 354 -1.39 -1.21 33.97
C LYS B 354 -0.42 -0.74 35.05
N GLU B 355 -0.02 -1.65 35.92
CA GLU B 355 0.91 -1.28 36.99
C GLU B 355 2.25 -0.79 36.43
N ILE B 356 2.72 -1.40 35.35
CA ILE B 356 3.98 -0.99 34.74
C ILE B 356 3.82 0.36 34.04
N GLN B 357 2.80 0.44 33.17
CA GLN B 357 2.57 1.61 32.33
C GLN B 357 2.28 2.89 33.11
N TYR B 358 1.55 2.78 34.21
CA TYR B 358 1.24 3.95 35.05
C TYR B 358 2.28 4.13 36.21
N GLY B 359 3.33 3.31 36.19
CA GLY B 359 4.46 3.48 37.11
C GLY B 359 4.24 3.04 38.53
N ILE B 360 3.22 2.23 38.77
CA ILE B 360 2.96 1.64 40.09
C ILE B 360 4.13 0.72 40.50
N ARG B 361 4.71 0.01 39.53
CA ARG B 361 5.91 -0.82 39.70
C ARG B 361 6.99 -0.28 38.79
N ALA B 362 8.20 -0.04 39.32
CA ALA B 362 9.32 0.36 38.49
C ALA B 362 9.57 -0.73 37.46
N HIS B 363 9.96 -0.34 36.25
CA HIS B 363 10.22 -1.31 35.21
C HIS B 363 11.06 -0.70 34.07
N GLU B 364 12.07 -1.44 33.62
CA GLU B 364 12.93 -1.01 32.54
C GLU B 364 12.19 -0.81 31.20
N TRP B 365 11.00 -1.37 31.08
CA TRP B 365 10.17 -1.17 29.89
C TRP B 365 9.69 0.28 29.75
N MET B 366 9.63 1.04 30.83
CA MET B 366 9.13 2.42 30.75
C MET B 366 10.24 3.43 30.54
N PHE B 367 9.97 4.36 29.62
CA PHE B 367 10.90 5.42 29.24
C PHE B 367 10.31 6.74 29.71
N PRO B 368 10.96 7.40 30.69
CA PRO B 368 10.35 8.62 31.24
C PRO B 368 10.42 9.82 30.29
N VAL B 369 9.35 10.60 30.26
CA VAL B 369 9.36 11.87 29.53
C VAL B 369 9.91 12.94 30.48
N1 PMP C . 0.73 -4.51 -14.62
C2 PMP C . 0.99 -3.60 -13.64
C2A PMP C . 1.33 -4.04 -12.23
C3 PMP C . 0.95 -2.17 -13.98
O3 PMP C . 1.20 -1.21 -13.05
C4 PMP C . 0.61 -1.81 -15.36
C4A PMP C . 0.58 -0.37 -15.74
N4A PMP C . -0.76 0.09 -15.51
C5 PMP C . 0.33 -2.88 -16.34
C6 PMP C . 0.42 -4.21 -15.90
C5A PMP C . -0.02 -2.56 -17.78
O4P PMP C . -1.24 -1.84 -17.76
P PMP C . -1.69 -0.90 -19.03
O1P PMP C . -1.53 -1.78 -20.24
O2P PMP C . -3.09 -0.51 -18.72
O3P PMP C . -0.74 0.24 -19.05
C5 68C D . 8.12 5.00 -18.47
C7 68C D . 9.15 5.71 -20.29
C15 68C D . 3.82 3.22 -14.38
C1 68C D . 4.40 5.29 -18.14
C2 68C D . 5.84 5.02 -17.94
C3 68C D . 6.41 4.44 -16.82
S4 68C D . 8.13 4.26 -16.91
N6 68C D . 9.29 5.16 -19.13
N8 68C D . 7.94 6.11 -20.84
C9 68C D . 6.74 5.96 -20.20
O10 68C D . 5.70 6.32 -20.72
C11 68C D . 6.86 5.34 -18.89
C12 68C D . 5.83 3.93 -15.52
O13 68C D . 6.54 3.80 -14.55
N14 68C D . 4.48 3.68 -15.49
N16 68C D . 2.58 2.80 -14.41
N17 68C D . 2.19 2.41 -13.16
C18 68C D . 3.10 2.56 -12.25
S19 68C D . 4.59 3.21 -12.84
CL CL E . 4.62 4.89 -26.20
CL CL F . -9.54 -8.43 -12.94
CL CL G . -12.41 0.86 -25.77
C1 EDO H . 3.19 -12.08 -37.02
O1 EDO H . 1.78 -12.28 -37.14
C2 EDO H . 3.79 -13.15 -36.12
O2 EDO H . 3.90 -14.40 -36.81
C1 EDO I . -5.85 19.85 -1.67
O1 EDO I . -4.71 20.69 -1.80
C2 EDO I . -6.86 20.47 -0.71
O2 EDO I . -7.19 21.81 -1.11
C1 EDO J . -15.13 29.54 -12.58
O1 EDO J . -14.07 29.34 -11.62
C2 EDO J . -14.53 29.86 -13.92
O2 EDO J . -13.19 30.28 -13.71
C1 EDO K . -20.23 14.92 -19.90
O1 EDO K . -19.81 15.64 -21.06
C2 EDO K . -21.43 14.06 -20.26
O2 EDO K . -21.10 12.68 -20.11
C1 EDO L . -6.72 -20.33 -34.80
O1 EDO L . -7.80 -19.48 -34.41
C2 EDO L . -5.96 -19.74 -35.97
O2 EDO L . -6.57 -20.10 -37.21
C1 EDO M . -8.32 -14.88 -25.07
O1 EDO M . -9.26 -15.40 -24.13
C2 EDO M . -9.02 -14.15 -26.20
O2 EDO M . -9.34 -12.82 -25.76
C1 EDO N . -7.36 -8.15 1.81
O1 EDO N . -7.94 -8.68 0.60
C2 EDO N . -6.17 -7.32 1.37
O2 EDO N . -5.15 -8.14 0.78
C1 EDO O . -2.15 -27.19 -19.67
O1 EDO O . -0.75 -26.90 -19.62
C2 EDO O . -2.65 -26.81 -21.06
O2 EDO O . -1.73 -27.29 -22.04
C1 GOL P . -9.13 -5.86 -33.42
O1 GOL P . -10.16 -5.72 -32.45
C2 GOL P . -8.35 -4.56 -33.46
O2 GOL P . -7.23 -4.63 -34.35
C3 GOL P . -9.32 -3.52 -33.97
O3 GOL P . -8.64 -2.74 -34.95
C1 GOL Q . -18.22 3.75 -26.40
O1 GOL Q . -18.28 5.16 -26.69
C2 GOL Q . -16.77 3.39 -26.07
O2 GOL Q . -15.95 3.55 -27.23
C3 GOL Q . -16.66 1.94 -25.61
O3 GOL Q . -17.69 1.62 -24.67
N1 PMP R . -0.87 -6.62 13.91
C2 PMP R . -1.08 -5.64 12.99
C2A PMP R . -1.39 -5.97 11.56
C3 PMP R . -1.02 -4.24 13.42
O3 PMP R . -1.22 -3.20 12.58
C4 PMP R . -0.70 -3.98 14.84
C4A PMP R . -0.67 -2.59 15.35
N4A PMP R . 0.68 -2.16 15.34
C5 PMP R . -0.48 -5.13 15.74
C6 PMP R . -0.58 -6.41 15.21
C5A PMP R . -0.17 -4.87 17.21
O4P PMP R . 1.08 -4.20 17.30
P PMP R . 1.50 -3.49 18.70
O1P PMP R . 0.52 -2.33 18.86
O2P PMP R . 2.92 -3.09 18.45
O3P PMP R . 1.33 -4.51 19.79
C5 68C S . -8.24 2.52 18.89
C7 68C S . -9.31 2.97 20.77
C15 68C S . -3.89 1.14 14.71
C1 68C S . -4.52 2.92 18.61
C2 68C S . -5.95 2.66 18.39
C3 68C S . -6.50 2.21 17.20
S4 68C S . -8.21 2.00 17.26
N6 68C S . -9.42 2.57 19.54
N8 68C S . -8.12 3.32 21.37
C9 68C S . -6.90 3.29 20.74
O10 68C S . -5.88 3.63 21.34
C11 68C S . -6.98 2.84 19.38
C12 68C S . -5.90 1.86 15.86
O13 68C S . -6.61 1.88 14.87
N14 68C S . -4.57 1.53 15.84
N16 68C S . -2.65 0.68 14.75
N17 68C S . -2.24 0.38 13.48
C18 68C S . -3.13 0.61 12.56
S19 68C S . -4.61 1.24 13.16
CL CL T . -4.85 1.32 26.62
CL CL U . 9.38 -10.17 11.94
CL CL V . 12.08 -2.55 25.66
C1 EDO W . -3.74 -16.62 35.21
O1 EDO W . -2.46 -16.98 35.75
C2 EDO W . -4.17 -17.63 34.16
O2 EDO W . -4.43 -18.90 34.74
C1 EDO X . 7.32 20.47 4.22
O1 EDO X . 7.55 20.51 5.63
C2 EDO X . 6.09 19.61 3.96
O2 EDO X . 4.93 20.26 4.45
C1 EDO Y . 6.70 -23.37 33.13
O1 EDO Y . 6.93 -23.81 31.78
C2 EDO Y . 6.18 -24.53 33.97
O2 EDO Y . 5.20 -25.25 33.21
C1 GOL Z . -19.98 -23.92 19.72
O1 GOL Z . -20.25 -22.53 19.88
C2 GOL Z . -18.55 -24.27 20.11
O2 GOL Z . -18.11 -23.53 21.27
C3 GOL Z . -18.52 -25.75 20.42
O3 GOL Z . -17.22 -26.17 20.84
C1 GOL AA . 15.84 -0.59 26.09
O1 GOL AA . 15.87 -1.92 25.56
C2 GOL AA . 17.00 -0.42 27.07
O2 GOL AA . 17.18 -1.62 27.82
C3 GOL AA . 16.74 0.78 27.98
O3 GOL AA . 17.24 0.50 29.30
C1 GOL BA . 8.36 -9.75 32.02
O1 GOL BA . 9.65 -10.36 31.85
C2 GOL BA . 8.53 -8.39 32.68
O2 GOL BA . 9.90 -7.98 32.56
C3 GOL BA . 8.17 -8.43 34.16
O3 GOL BA . 6.92 -7.79 34.40
#